data_9ML9
#
_entry.id   9ML9
#
_cell.length_a   108.159
_cell.length_b   127.194
_cell.length_c   75.431
_cell.angle_alpha   90.000
_cell.angle_beta   127.720
_cell.angle_gamma   90.000
#
_symmetry.space_group_name_H-M   'C 1 2 1'
#
loop_
_entity.id
_entity.type
_entity.pdbx_description
1 polymer 'Spike protein S1'
2 polymer 'M8b-C9 heavy chain'
3 polymer 'M8b-C9 light chain'
4 non-polymer 2-acetamido-2-deoxy-beta-D-glucopyranose
5 non-polymer 2-AMINO-2-HYDROXYMETHYL-PROPANE-1,3-DIOL
6 water water
#
loop_
_entity_poly.entity_id
_entity_poly.type
_entity_poly.pdbx_seq_one_letter_code
_entity_poly.pdbx_strand_id
1 'polypeptide(L)'
;RFPNITNLCPFGEVFNATRFASVYAWNRKRISNCVADYSVLYNSASFSTFKCYGVSPTKLNDLCFTNVYADSFVIRGDEV
RQIAPGQTGKIADYNYKLPDDFTGCVIAWNSNNLDSKVGGNYNYLYRLFRKSNLKPFERDISTEIYQAGSTPCNGVEGFN
CYFPLQSYGFQPTNGVGYQPYRVVVLSFELLHAPATVCGPKKSTNLHHHHHH
;
A
2 'polypeptide(L)'
;QSLEESGGDLVKPGTSLTLTCTASGFSFSHNYVMCWVRQAPGKGLECVACIYFGFGDTYYASWAKGRITISKTSSTTVTL
QMTSLTAADTATYFCARALGYYIYGDAGDIYIADYFKLWGPGTLVTVSSGQPKAPSVFPLAPSSKSTSGGTAALGCLVKD
YFPEPVTVSWNSGALTSGVHTFPAVLQSSGLYSLSSVVTVPSSSLGTQTYICNVNHKPSNTKVDKRVEPKSCDKTH
;
H
3 'polypeptide(L)'
;ADIVMTQTPASVEAAVGGTVTIKCQASQSISKYLAWYQQKPGQPPKLLIFEASTLESGVPSRFKGRGSGTEFTLTISDLE
CADAATYYCQGYYYSSHSYVFGGGTEVVVKRTVAAPSVFIFPPSDEQLKSGTASVVCLLNNFYPREAKVQWKVDNALQSG
NSQESVTEQDSKDSTYSLSSTLTLSKADYEKHKVYACEVTHQGLSSPVTKSFNRGEC
;
L
#
loop_
_chem_comp.id
_chem_comp.type
_chem_comp.name
_chem_comp.formula
NAG D-saccharide, beta linking 2-acetamido-2-deoxy-beta-D-glucopyranose 'C8 H15 N O6'
TRS non-polymer 2-AMINO-2-HYDROXYMETHYL-PROPANE-1,3-DIOL 'C4 H12 N O3 1'
#
# COMPACT_ATOMS: atom_id res chain seq x y z
N THR A 6 -42.20 12.13 31.13
CA THR A 6 -41.18 11.79 30.14
C THR A 6 -41.18 10.29 29.83
N ASN A 7 -41.93 9.89 28.81
CA ASN A 7 -41.92 8.51 28.37
C ASN A 7 -40.56 8.18 27.77
N LEU A 8 -40.00 7.03 28.16
CA LEU A 8 -38.67 6.66 27.75
C LEU A 8 -38.65 6.16 26.31
N CYS A 9 -37.52 6.36 25.65
CA CYS A 9 -37.37 5.90 24.27
C CYS A 9 -37.33 4.38 24.23
N PRO A 10 -38.16 3.73 23.41
CA PRO A 10 -38.24 2.26 23.39
C PRO A 10 -37.09 1.61 22.64
N PHE A 11 -35.89 1.70 23.21
CA PHE A 11 -34.73 1.03 22.62
C PHE A 11 -34.79 -0.48 22.83
N GLY A 12 -35.49 -0.93 23.88
CA GLY A 12 -35.61 -2.36 24.12
C GLY A 12 -36.37 -3.07 23.02
N GLU A 13 -37.30 -2.37 22.36
CA GLU A 13 -38.01 -2.98 21.25
C GLU A 13 -37.06 -3.34 20.12
N VAL A 14 -36.13 -2.45 19.79
CA VAL A 14 -35.18 -2.72 18.71
C VAL A 14 -34.13 -3.72 19.15
N PHE A 15 -33.55 -3.52 20.34
CA PHE A 15 -32.41 -4.32 20.75
C PHE A 15 -32.83 -5.73 21.17
N ASN A 16 -33.96 -5.85 21.87
CA ASN A 16 -34.43 -7.13 22.41
C ASN A 16 -35.47 -7.79 21.53
N ALA A 17 -35.45 -7.53 20.22
CA ALA A 17 -36.41 -8.12 19.31
C ALA A 17 -36.15 -9.61 19.14
N THR A 18 -37.24 -10.39 19.07
CA THR A 18 -37.11 -11.84 18.93
C THR A 18 -36.49 -12.23 17.59
N ARG A 19 -36.95 -11.61 16.50
CA ARG A 19 -36.46 -11.88 15.17
C ARG A 19 -35.90 -10.60 14.55
N PHE A 20 -34.79 -10.75 13.83
CA PHE A 20 -34.14 -9.63 13.15
C PHE A 20 -34.24 -9.80 11.65
N ALA A 21 -34.21 -8.68 10.94
CA ALA A 21 -34.35 -8.71 9.49
C ALA A 21 -33.02 -9.01 8.81
N SER A 22 -33.11 -9.44 7.55
CA SER A 22 -31.92 -9.62 6.74
C SER A 22 -31.30 -8.27 6.39
N VAL A 23 -30.00 -8.30 6.11
CA VAL A 23 -29.27 -7.04 5.90
C VAL A 23 -29.76 -6.33 4.64
N TYR A 24 -30.14 -7.08 3.60
CA TYR A 24 -30.67 -6.43 2.40
C TYR A 24 -32.01 -5.77 2.67
N ALA A 25 -32.83 -6.35 3.54
CA ALA A 25 -34.13 -5.81 3.93
C ALA A 25 -34.08 -5.20 5.33
N TRP A 26 -33.00 -4.48 5.64
CA TRP A 26 -32.76 -4.01 6.99
C TRP A 26 -33.93 -3.18 7.51
N ASN A 27 -34.32 -3.44 8.76
CA ASN A 27 -35.46 -2.76 9.36
C ASN A 27 -35.06 -1.38 9.88
N ARG A 28 -36.00 -0.44 9.81
CA ARG A 28 -35.80 0.90 10.31
C ARG A 28 -36.96 1.27 11.24
N LYS A 29 -36.62 1.76 12.43
CA LYS A 29 -37.62 2.22 13.39
C LYS A 29 -37.29 3.65 13.80
N ARG A 30 -38.27 4.53 13.69
CA ARG A 30 -38.09 5.92 14.10
C ARG A 30 -38.36 6.05 15.59
N ILE A 31 -37.47 6.75 16.29
CA ILE A 31 -37.59 7.00 17.73
C ILE A 31 -37.82 8.49 17.90
N SER A 32 -38.96 8.85 18.49
CA SER A 32 -39.34 10.26 18.58
C SER A 32 -40.14 10.50 19.85
N ASN A 33 -40.10 11.77 20.30
CA ASN A 33 -40.90 12.25 21.43
C ASN A 33 -40.66 11.41 22.69
N CYS A 34 -39.40 11.39 23.13
CA CYS A 34 -39.03 10.56 24.26
C CYS A 34 -37.64 10.97 24.77
N VAL A 35 -37.29 10.39 25.92
CA VAL A 35 -35.99 10.56 26.55
C VAL A 35 -35.26 9.23 26.50
N ALA A 36 -34.02 9.26 26.03
CA ALA A 36 -33.22 8.07 25.81
C ALA A 36 -32.04 8.05 26.77
N ASP A 37 -31.91 6.94 27.51
CA ASP A 37 -30.78 6.73 28.41
C ASP A 37 -29.74 5.92 27.65
N TYR A 38 -28.70 6.61 27.15
CA TYR A 38 -27.64 5.93 26.42
C TYR A 38 -26.59 5.31 27.33
N SER A 39 -26.61 5.62 28.62
CA SER A 39 -25.63 5.03 29.53
C SER A 39 -25.83 3.53 29.65
N VAL A 40 -27.09 3.07 29.66
CA VAL A 40 -27.36 1.64 29.73
C VAL A 40 -26.90 0.90 28.49
N LEU A 41 -26.60 1.62 27.41
CA LEU A 41 -26.12 1.00 26.18
C LEU A 41 -24.60 0.91 26.13
N TYR A 42 -23.91 2.05 26.29
CA TYR A 42 -22.46 2.03 26.16
C TYR A 42 -21.77 1.42 27.38
N ASN A 43 -22.49 1.20 28.49
CA ASN A 43 -21.91 0.51 29.61
C ASN A 43 -21.97 -1.01 29.44
N SER A 44 -23.02 -1.52 28.79
CA SER A 44 -23.24 -2.95 28.70
C SER A 44 -22.07 -3.64 27.99
N ALA A 45 -21.65 -4.78 28.56
CA ALA A 45 -20.60 -5.59 27.98
C ALA A 45 -21.11 -6.62 26.99
N SER A 46 -22.42 -6.63 26.72
CA SER A 46 -22.98 -7.57 25.76
C SER A 46 -22.55 -7.26 24.33
N PHE A 47 -22.16 -6.03 24.04
CA PHE A 47 -21.88 -5.60 22.68
C PHE A 47 -20.39 -5.78 22.36
N SER A 48 -20.11 -6.47 21.26
CA SER A 48 -18.74 -6.61 20.80
C SER A 48 -18.24 -5.34 20.12
N THR A 49 -19.13 -4.60 19.47
CA THR A 49 -18.77 -3.35 18.80
C THR A 49 -19.70 -2.24 19.26
N PHE A 50 -19.12 -1.14 19.72
CA PHE A 50 -19.89 0.06 20.10
C PHE A 50 -19.03 1.26 19.70
N LYS A 51 -19.26 1.77 18.49
CA LYS A 51 -18.45 2.87 17.96
C LYS A 51 -19.35 4.01 17.53
N CYS A 52 -19.06 5.21 18.01
CA CYS A 52 -19.85 6.39 17.68
C CYS A 52 -19.03 7.33 16.78
N TYR A 53 -19.64 7.73 15.67
CA TYR A 53 -19.02 8.60 14.68
C TYR A 53 -19.73 9.95 14.69
N GLY A 54 -18.93 11.02 14.79
CA GLY A 54 -19.45 12.37 14.73
C GLY A 54 -19.99 12.92 16.03
N VAL A 55 -20.01 12.13 17.10
CA VAL A 55 -20.54 12.58 18.38
C VAL A 55 -20.04 11.63 19.46
N SER A 56 -19.73 12.20 20.63
CA SER A 56 -19.19 11.45 21.76
C SER A 56 -20.31 10.76 22.53
N PRO A 57 -20.08 9.55 23.03
CA PRO A 57 -21.14 8.82 23.76
C PRO A 57 -21.67 9.57 24.97
N THR A 58 -20.80 10.26 25.71
CA THR A 58 -21.26 10.97 26.91
C THR A 58 -22.15 12.15 26.55
N LYS A 59 -21.80 12.89 25.50
CA LYS A 59 -22.61 14.04 25.12
C LYS A 59 -23.97 13.65 24.56
N LEU A 60 -24.15 12.37 24.18
CA LEU A 60 -25.44 11.91 23.68
C LEU A 60 -26.57 12.26 24.63
N ASN A 61 -26.34 12.11 25.93
CA ASN A 61 -27.36 12.47 26.92
C ASN A 61 -27.63 13.97 26.90
N ASP A 62 -26.59 14.78 26.77
CA ASP A 62 -26.71 16.23 26.88
C ASP A 62 -27.20 16.89 25.59
N LEU A 63 -27.42 16.15 24.51
CA LEU A 63 -27.87 16.72 23.25
C LEU A 63 -29.26 16.23 22.90
N CYS A 64 -30.00 17.08 22.20
CA CYS A 64 -31.30 16.75 21.64
C CYS A 64 -31.22 16.71 20.13
N PHE A 65 -32.02 15.83 19.52
CA PHE A 65 -31.98 15.62 18.08
C PHE A 65 -33.41 15.60 17.53
N THR A 66 -33.55 16.05 16.29
CA THR A 66 -34.88 16.11 15.68
C THR A 66 -35.41 14.72 15.36
N ASN A 67 -34.58 13.85 14.78
CA ASN A 67 -35.00 12.47 14.58
C ASN A 67 -33.87 11.51 14.92
N VAL A 68 -34.27 10.35 15.42
CA VAL A 68 -33.36 9.25 15.72
C VAL A 68 -33.88 8.02 14.98
N TYR A 69 -32.99 7.33 14.28
CA TYR A 69 -33.36 6.15 13.52
C TYR A 69 -32.57 4.94 14.03
N ALA A 70 -33.28 3.86 14.33
CA ALA A 70 -32.67 2.61 14.74
C ALA A 70 -32.81 1.63 13.57
N ASP A 71 -31.71 1.36 12.89
CA ASP A 71 -31.68 0.39 11.81
C ASP A 71 -31.15 -0.93 12.36
N SER A 72 -31.89 -2.00 12.16
CA SER A 72 -31.55 -3.30 12.71
C SER A 72 -31.44 -4.34 11.60
N PHE A 73 -30.43 -5.19 11.71
CA PHE A 73 -30.27 -6.31 10.79
C PHE A 73 -29.28 -7.31 11.39
N VAL A 74 -28.99 -8.35 10.61
CA VAL A 74 -28.07 -9.42 11.03
C VAL A 74 -27.07 -9.64 9.90
N ILE A 75 -25.78 -9.70 10.26
CA ILE A 75 -24.74 -10.04 9.29
C ILE A 75 -23.86 -11.11 9.90
N ARG A 76 -22.77 -11.45 9.25
CA ARG A 76 -21.79 -12.35 9.84
C ARG A 76 -20.60 -11.56 10.37
N GLY A 77 -19.88 -12.17 11.31
CA GLY A 77 -18.84 -11.52 12.09
C GLY A 77 -17.85 -10.67 11.32
N ASP A 78 -17.11 -11.27 10.39
CA ASP A 78 -16.07 -10.55 9.66
C ASP A 78 -16.63 -9.43 8.80
N GLU A 79 -17.94 -9.21 8.80
CA GLU A 79 -18.57 -8.13 8.05
C GLU A 79 -18.98 -6.96 8.92
N VAL A 80 -18.88 -7.09 10.26
CA VAL A 80 -19.26 -6.01 11.15
C VAL A 80 -18.44 -4.76 10.89
N ARG A 81 -17.17 -4.94 10.51
CA ARG A 81 -16.31 -3.80 10.20
C ARG A 81 -16.83 -2.98 9.02
N GLN A 82 -17.73 -3.55 8.20
CA GLN A 82 -18.21 -2.86 7.01
C GLN A 82 -19.27 -1.81 7.31
N ILE A 83 -19.86 -1.81 8.49
CA ILE A 83 -20.82 -0.77 8.88
C ILE A 83 -20.00 0.34 9.53
N ALA A 84 -19.51 1.23 8.68
CA ALA A 84 -18.70 2.39 9.05
C ALA A 84 -18.56 3.25 7.81
N PRO A 85 -18.47 4.57 7.94
CA PRO A 85 -18.30 5.42 6.76
C PRO A 85 -17.01 5.09 6.04
N GLY A 86 -17.07 5.15 4.70
CA GLY A 86 -15.89 4.92 3.89
C GLY A 86 -15.43 3.49 3.81
N GLN A 87 -16.31 2.53 4.13
CA GLN A 87 -15.96 1.12 4.04
C GLN A 87 -16.37 0.55 2.69
N THR A 88 -15.67 -0.50 2.28
CA THR A 88 -15.92 -1.16 1.01
C THR A 88 -16.13 -2.65 1.22
N GLY A 89 -17.00 -3.22 0.42
CA GLY A 89 -17.35 -4.63 0.55
C GLY A 89 -18.77 -4.86 0.11
N LYS A 90 -19.14 -6.14 0.04
CA LYS A 90 -20.45 -6.52 -0.48
C LYS A 90 -21.57 -5.93 0.36
N ILE A 91 -21.44 -5.99 1.68
CA ILE A 91 -22.48 -5.42 2.55
C ILE A 91 -22.55 -3.91 2.39
N ALA A 92 -21.40 -3.24 2.40
CA ALA A 92 -21.39 -1.78 2.33
C ALA A 92 -21.75 -1.27 0.94
N ASP A 93 -21.48 -2.06 -0.10
CA ASP A 93 -21.75 -1.62 -1.47
C ASP A 93 -23.16 -1.96 -1.93
N TYR A 94 -23.69 -3.12 -1.55
CA TYR A 94 -24.94 -3.60 -2.10
C TYR A 94 -26.04 -3.84 -1.08
N ASN A 95 -25.76 -3.77 0.22
CA ASN A 95 -26.75 -4.09 1.23
C ASN A 95 -27.07 -2.93 2.16
N TYR A 96 -26.06 -2.28 2.74
CA TYR A 96 -26.30 -1.20 3.69
C TYR A 96 -25.09 -0.28 3.69
N LYS A 97 -25.30 0.97 3.28
CA LYS A 97 -24.22 1.94 3.11
C LYS A 97 -24.44 3.12 4.04
N LEU A 98 -23.40 3.52 4.76
CA LEU A 98 -23.42 4.68 5.64
C LEU A 98 -22.72 5.86 4.96
N PRO A 99 -23.21 7.08 5.15
CA PRO A 99 -22.62 8.23 4.47
C PRO A 99 -21.29 8.65 5.09
N ASP A 100 -20.54 9.45 4.34
CA ASP A 100 -19.26 9.95 4.83
C ASP A 100 -19.44 10.90 6.01
N ASP A 101 -20.51 11.69 5.99
CA ASP A 101 -20.81 12.61 7.08
C ASP A 101 -21.72 11.99 8.14
N PHE A 102 -21.63 10.67 8.32
CA PHE A 102 -22.50 9.98 9.25
C PHE A 102 -22.34 10.52 10.67
N THR A 103 -23.47 10.72 11.34
CA THR A 103 -23.50 11.10 12.75
C THR A 103 -24.38 10.11 13.48
N GLY A 104 -23.80 9.34 14.38
CA GLY A 104 -24.56 8.32 15.08
C GLY A 104 -23.64 7.32 15.73
N CYS A 105 -24.19 6.13 15.98
CA CYS A 105 -23.45 5.06 16.65
C CYS A 105 -23.79 3.73 16.02
N VAL A 106 -22.84 2.81 16.06
CA VAL A 106 -22.96 1.46 15.52
C VAL A 106 -22.73 0.48 16.66
N ILE A 107 -23.69 -0.43 16.85
CA ILE A 107 -23.65 -1.41 17.92
C ILE A 107 -23.84 -2.78 17.31
N ALA A 108 -23.00 -3.73 17.72
CA ALA A 108 -23.06 -5.08 17.18
C ALA A 108 -22.70 -6.07 18.28
N TRP A 109 -23.50 -7.14 18.38
CA TRP A 109 -23.25 -8.18 19.36
C TRP A 109 -23.46 -9.56 18.74
N ASN A 110 -22.65 -10.52 19.19
CA ASN A 110 -22.75 -11.88 18.71
C ASN A 110 -24.11 -12.47 19.05
N SER A 111 -24.70 -13.16 18.08
CA SER A 111 -26.03 -13.75 18.22
C SER A 111 -26.03 -15.19 17.73
N ASN A 112 -24.92 -15.91 17.96
CA ASN A 112 -24.85 -17.31 17.56
C ASN A 112 -25.85 -18.16 18.34
N ASN A 113 -26.08 -17.83 19.61
CA ASN A 113 -27.01 -18.58 20.44
C ASN A 113 -28.46 -18.46 19.99
N LEU A 114 -28.77 -17.52 19.11
CA LEU A 114 -30.14 -17.29 18.66
C LEU A 114 -30.33 -17.44 17.17
N ASP A 115 -29.38 -16.98 16.35
CA ASP A 115 -29.55 -16.94 14.91
C ASP A 115 -28.82 -18.07 14.19
N SER A 116 -28.29 -19.05 14.92
CA SER A 116 -27.61 -20.19 14.32
C SER A 116 -28.33 -21.48 14.69
N LYS A 117 -28.36 -22.42 13.76
CA LYS A 117 -29.06 -23.68 13.94
C LYS A 117 -28.18 -24.82 13.44
N VAL A 118 -28.20 -25.95 14.18
CA VAL A 118 -27.49 -27.13 13.73
C VAL A 118 -28.07 -27.60 12.41
N GLY A 119 -27.21 -27.81 11.42
CA GLY A 119 -27.62 -28.03 10.06
C GLY A 119 -27.77 -26.77 9.24
N GLY A 120 -27.64 -25.60 9.87
CA GLY A 120 -27.63 -24.34 9.15
C GLY A 120 -28.91 -23.53 9.27
N ASN A 121 -28.76 -22.24 9.52
CA ASN A 121 -29.87 -21.29 9.51
C ASN A 121 -29.72 -20.40 8.29
N TYR A 122 -30.70 -20.47 7.37
CA TYR A 122 -30.60 -19.80 6.09
C TYR A 122 -31.67 -18.73 5.91
N ASN A 123 -32.24 -18.24 7.01
CA ASN A 123 -33.26 -17.21 6.95
C ASN A 123 -32.68 -15.82 6.71
N TYR A 124 -31.38 -15.66 6.87
CA TYR A 124 -30.72 -14.37 6.73
C TYR A 124 -30.02 -14.32 5.37
N LEU A 125 -30.36 -13.31 4.58
CA LEU A 125 -29.90 -13.19 3.20
C LEU A 125 -29.09 -11.91 3.03
N TYR A 126 -28.31 -11.88 1.95
CA TYR A 126 -27.56 -10.70 1.57
C TYR A 126 -27.42 -10.65 0.06
N ARG A 127 -27.24 -9.44 -0.47
CA ARG A 127 -27.19 -9.22 -1.90
C ARG A 127 -25.74 -9.34 -2.39
N LEU A 128 -25.54 -10.18 -3.41
CA LEU A 128 -24.21 -10.36 -3.99
C LEU A 128 -23.91 -9.37 -5.11
N PHE A 129 -24.88 -9.13 -5.99
CA PHE A 129 -24.68 -8.32 -7.18
C PHE A 129 -25.58 -7.10 -7.17
N ARG A 130 -25.09 -6.03 -7.77
CA ARG A 130 -25.90 -4.86 -8.08
C ARG A 130 -25.17 -4.06 -9.14
N LYS A 131 -25.93 -3.44 -10.04
CA LYS A 131 -25.32 -2.69 -11.13
C LYS A 131 -24.57 -1.47 -10.62
N SER A 132 -25.06 -0.84 -9.57
CA SER A 132 -24.42 0.33 -8.99
C SER A 132 -24.35 0.17 -7.47
N ASN A 133 -23.37 0.83 -6.87
CA ASN A 133 -23.23 0.81 -5.43
C ASN A 133 -24.43 1.49 -4.77
N LEU A 134 -24.83 0.96 -3.62
CA LEU A 134 -25.96 1.54 -2.90
C LEU A 134 -25.65 2.94 -2.43
N LYS A 135 -26.62 3.85 -2.59
CA LYS A 135 -26.51 5.17 -2.00
C LYS A 135 -26.64 5.05 -0.48
N PRO A 136 -26.12 6.02 0.26
CA PRO A 136 -26.25 5.96 1.73
C PRO A 136 -27.70 5.88 2.16
N PHE A 137 -27.95 4.99 3.13
CA PHE A 137 -29.29 4.77 3.68
C PHE A 137 -30.29 4.37 2.60
N GLU A 138 -29.86 3.50 1.68
CA GLU A 138 -30.72 2.98 0.62
C GLU A 138 -31.03 1.51 0.87
N ARG A 139 -32.26 1.11 0.55
CA ARG A 139 -32.72 -0.26 0.74
C ARG A 139 -33.15 -0.84 -0.60
N ASP A 140 -32.68 -2.05 -0.90
CA ASP A 140 -33.00 -2.73 -2.15
C ASP A 140 -33.58 -4.10 -1.83
N ILE A 141 -34.81 -4.34 -2.29
CA ILE A 141 -35.49 -5.62 -2.09
C ILE A 141 -36.01 -6.14 -3.42
N SER A 142 -35.27 -5.82 -4.50
CA SER A 142 -35.77 -6.08 -5.85
C SER A 142 -35.98 -7.57 -6.12
N THR A 143 -35.07 -8.41 -5.60
CA THR A 143 -35.06 -9.87 -5.82
C THR A 143 -35.46 -10.24 -7.25
N GLU A 144 -34.78 -9.62 -8.21
CA GLU A 144 -34.96 -9.85 -9.64
C GLU A 144 -33.69 -10.46 -10.23
N ILE A 145 -33.86 -11.17 -11.33
CA ILE A 145 -32.80 -12.01 -11.89
C ILE A 145 -31.74 -11.10 -12.52
N TYR A 146 -30.58 -11.03 -11.89
CA TYR A 146 -29.53 -10.10 -12.28
C TYR A 146 -28.85 -10.56 -13.57
N GLN A 147 -28.28 -9.60 -14.30
CA GLN A 147 -27.58 -9.86 -15.55
C GLN A 147 -26.14 -9.41 -15.43
N ALA A 148 -25.21 -10.34 -15.67
CA ALA A 148 -23.78 -10.05 -15.67
C ALA A 148 -23.14 -10.34 -17.02
N GLY A 149 -23.95 -10.50 -18.07
CA GLY A 149 -23.42 -10.79 -19.39
C GLY A 149 -24.17 -10.01 -20.45
N SER A 150 -23.63 -10.06 -21.67
CA SER A 150 -24.26 -9.37 -22.80
C SER A 150 -25.61 -9.97 -23.14
N THR A 151 -25.75 -11.29 -23.00
CA THR A 151 -26.99 -11.96 -23.34
C THR A 151 -28.12 -11.44 -22.44
N PRO A 152 -29.23 -10.99 -23.01
CA PRO A 152 -30.33 -10.47 -22.18
C PRO A 152 -31.08 -11.57 -21.44
N CYS A 153 -32.10 -11.18 -20.68
CA CYS A 153 -32.78 -12.15 -19.82
C CYS A 153 -34.23 -11.70 -19.66
N ASN A 154 -35.08 -12.64 -19.27
CA ASN A 154 -36.51 -12.39 -19.13
C ASN A 154 -37.02 -12.98 -17.82
N GLY A 155 -36.31 -12.70 -16.73
CA GLY A 155 -36.69 -13.25 -15.44
C GLY A 155 -36.59 -14.75 -15.36
N VAL A 156 -35.65 -15.34 -16.08
CA VAL A 156 -35.45 -16.79 -16.11
C VAL A 156 -34.00 -17.07 -15.77
N GLU A 157 -33.76 -17.88 -14.74
CA GLU A 157 -32.40 -18.25 -14.38
C GLU A 157 -31.73 -18.96 -15.55
N GLY A 158 -30.47 -18.63 -15.79
CA GLY A 158 -29.78 -19.18 -16.94
C GLY A 158 -28.27 -19.09 -16.79
N PHE A 159 -27.60 -19.25 -17.94
CA PHE A 159 -26.14 -19.24 -17.97
C PHE A 159 -25.57 -17.96 -17.35
N ASN A 160 -26.07 -16.81 -17.81
CA ASN A 160 -25.65 -15.52 -17.25
C ASN A 160 -26.78 -14.80 -16.54
N CYS A 161 -27.82 -15.54 -16.14
CA CYS A 161 -28.93 -15.01 -15.35
C CYS A 161 -28.81 -15.56 -13.94
N TYR A 162 -28.69 -14.67 -12.95
CA TYR A 162 -28.41 -15.08 -11.58
C TYR A 162 -29.43 -14.49 -10.61
N PHE A 163 -29.76 -15.26 -9.59
CA PHE A 163 -30.49 -14.72 -8.45
C PHE A 163 -29.56 -13.84 -7.62
N PRO A 164 -29.97 -12.63 -7.25
CA PRO A 164 -29.03 -11.69 -6.62
C PRO A 164 -28.83 -11.89 -5.13
N LEU A 165 -29.56 -12.79 -4.49
CA LEU A 165 -29.53 -12.94 -3.04
C LEU A 165 -29.00 -14.31 -2.66
N GLN A 166 -28.14 -14.33 -1.64
CA GLN A 166 -27.58 -15.56 -1.10
C GLN A 166 -27.76 -15.57 0.42
N SER A 167 -28.05 -16.74 0.96
CA SER A 167 -28.29 -16.87 2.38
C SER A 167 -27.00 -17.23 3.13
N TYR A 168 -26.84 -16.64 4.31
CA TYR A 168 -25.78 -17.08 5.21
C TYR A 168 -26.07 -18.49 5.69
N GLY A 169 -25.02 -19.31 5.76
CA GLY A 169 -25.15 -20.58 6.44
C GLY A 169 -24.71 -20.45 7.88
N PHE A 170 -25.67 -20.22 8.78
CA PHE A 170 -25.37 -19.93 10.18
C PHE A 170 -25.44 -21.23 10.98
N GLN A 171 -24.27 -21.74 11.37
CA GLN A 171 -24.17 -22.96 12.16
C GLN A 171 -23.32 -22.69 13.39
N PRO A 172 -23.66 -23.31 14.53
CA PRO A 172 -22.90 -23.04 15.76
C PRO A 172 -21.43 -23.44 15.68
N THR A 173 -21.08 -24.35 14.77
CA THR A 173 -19.69 -24.77 14.61
C THR A 173 -18.88 -23.82 13.73
N ASN A 174 -19.49 -22.77 13.20
CA ASN A 174 -18.77 -21.82 12.37
C ASN A 174 -17.75 -21.03 13.18
N GLY A 175 -16.74 -20.52 12.49
CA GLY A 175 -15.81 -19.61 13.12
C GLY A 175 -16.47 -18.31 13.54
N VAL A 176 -15.76 -17.57 14.40
CA VAL A 176 -16.32 -16.32 14.92
C VAL A 176 -16.60 -15.35 13.79
N GLY A 177 -15.71 -15.30 12.79
CA GLY A 177 -15.92 -14.42 11.66
C GLY A 177 -17.14 -14.76 10.83
N TYR A 178 -17.58 -16.02 10.86
CA TYR A 178 -18.74 -16.46 10.10
C TYR A 178 -19.97 -16.67 10.98
N GLN A 179 -19.90 -16.30 12.26
CA GLN A 179 -21.03 -16.41 13.15
C GLN A 179 -21.95 -15.20 13.03
N PRO A 180 -23.25 -15.37 13.26
CA PRO A 180 -24.17 -14.24 13.11
C PRO A 180 -23.97 -13.19 14.20
N TYR A 181 -23.97 -11.94 13.78
CA TYR A 181 -23.92 -10.78 14.67
C TYR A 181 -25.12 -9.89 14.36
N ARG A 182 -25.81 -9.47 15.41
CA ARG A 182 -26.91 -8.53 15.29
C ARG A 182 -26.36 -7.11 15.36
N VAL A 183 -26.81 -6.26 14.43
CA VAL A 183 -26.30 -4.91 14.27
C VAL A 183 -27.46 -3.94 14.38
N VAL A 184 -27.28 -2.92 15.22
CA VAL A 184 -28.21 -1.79 15.35
C VAL A 184 -27.41 -0.51 15.14
N VAL A 185 -27.87 0.32 14.22
CA VAL A 185 -27.25 1.61 13.91
C VAL A 185 -28.21 2.70 14.34
N LEU A 186 -27.76 3.57 15.24
CA LEU A 186 -28.52 4.73 15.67
C LEU A 186 -28.05 5.94 14.88
N SER A 187 -28.97 6.59 14.18
CA SER A 187 -28.70 7.79 13.40
C SER A 187 -29.36 8.97 14.10
N PHE A 188 -28.54 9.93 14.51
CA PHE A 188 -29.01 11.15 15.18
C PHE A 188 -28.94 12.29 14.17
N GLU A 189 -30.10 12.72 13.68
CA GLU A 189 -30.14 13.77 12.67
C GLU A 189 -30.89 14.98 13.21
N LEU A 190 -30.36 16.16 12.92
CA LEU A 190 -30.88 17.43 13.40
C LEU A 190 -31.30 18.29 12.21
N LEU A 191 -32.59 18.58 12.12
CA LEU A 191 -33.16 19.44 11.09
C LEU A 191 -33.70 20.72 11.74
N HIS A 192 -34.34 21.55 10.92
CA HIS A 192 -35.00 22.73 11.45
C HIS A 192 -36.27 22.40 12.22
N ALA A 193 -36.76 21.16 12.12
CA ALA A 193 -37.96 20.74 12.82
C ALA A 193 -37.71 20.76 14.33
N PRO A 194 -38.77 20.87 15.13
CA PRO A 194 -38.60 20.85 16.59
C PRO A 194 -38.00 19.53 17.06
N ALA A 195 -37.16 19.62 18.09
CA ALA A 195 -36.52 18.43 18.65
C ALA A 195 -37.56 17.53 19.33
N THR A 196 -37.39 16.23 19.15
CA THR A 196 -38.31 15.25 19.70
C THR A 196 -37.64 14.29 20.69
N VAL A 197 -36.43 13.83 20.39
CA VAL A 197 -35.70 12.90 21.25
C VAL A 197 -34.67 13.68 22.04
N CYS A 198 -34.67 13.49 23.36
CA CYS A 198 -33.66 14.09 24.22
C CYS A 198 -33.17 13.07 25.21
N GLY A 199 -31.98 13.30 25.74
CA GLY A 199 -31.47 12.50 26.83
C GLY A 199 -31.69 13.21 28.15
N PRO A 200 -31.22 12.61 29.24
CA PRO A 200 -31.22 13.32 30.53
C PRO A 200 -30.33 14.55 30.45
N LYS A 201 -30.59 15.49 31.37
CA LYS A 201 -29.94 16.81 31.35
C LYS A 201 -30.15 17.51 30.00
N GLN B 1 -12.88 7.02 -2.70
CA GLN B 1 -12.19 5.74 -2.65
C GLN B 1 -10.84 5.81 -3.37
N SER B 2 -10.34 7.03 -3.55
CA SER B 2 -9.06 7.24 -4.21
C SER B 2 -8.36 8.43 -3.56
N LEU B 3 -7.03 8.41 -3.59
CA LEU B 3 -6.22 9.48 -3.03
C LEU B 3 -5.07 9.75 -3.99
N GLU B 4 -5.09 10.91 -4.62
CA GLU B 4 -4.07 11.30 -5.60
C GLU B 4 -3.27 12.48 -5.06
N GLU B 5 -1.96 12.40 -5.16
CA GLU B 5 -1.05 13.43 -4.66
C GLU B 5 -0.42 14.19 -5.81
N SER B 6 -0.02 15.43 -5.53
CA SER B 6 0.61 16.28 -6.53
C SER B 6 1.46 17.33 -5.81
N GLY B 7 2.38 17.92 -6.56
CA GLY B 7 3.18 19.02 -6.08
C GLY B 7 4.66 18.73 -5.92
N GLY B 8 5.09 17.48 -6.03
CA GLY B 8 6.49 17.14 -5.85
C GLY B 8 7.33 17.56 -7.06
N ASP B 9 8.53 18.04 -6.76
CA ASP B 9 9.47 18.50 -7.79
C ASP B 9 10.82 18.76 -7.11
N LEU B 10 11.79 19.19 -7.93
CA LEU B 10 13.09 19.62 -7.42
C LEU B 10 12.99 21.05 -6.92
N VAL B 11 13.38 21.27 -5.67
CA VAL B 11 13.31 22.59 -5.04
C VAL B 11 14.64 22.88 -4.37
N LYS B 12 15.11 24.12 -4.51
CA LYS B 12 16.39 24.52 -3.96
C LYS B 12 16.33 24.48 -2.42
N PRO B 13 17.46 24.17 -1.77
CA PRO B 13 17.47 24.14 -0.31
C PRO B 13 17.08 25.50 0.28
N GLY B 14 16.31 25.45 1.35
CA GLY B 14 15.83 26.65 2.01
C GLY B 14 14.57 27.26 1.43
N THR B 15 14.02 26.68 0.36
CA THR B 15 12.79 27.18 -0.24
C THR B 15 11.59 26.60 0.51
N SER B 16 10.40 26.76 -0.06
CA SER B 16 9.19 26.21 0.52
C SER B 16 8.29 25.67 -0.59
N LEU B 17 7.72 24.50 -0.35
CA LEU B 17 6.86 23.83 -1.33
C LEU B 17 5.58 23.38 -0.65
N THR B 18 4.49 23.41 -1.42
CA THR B 18 3.20 22.93 -0.95
C THR B 18 2.81 21.67 -1.74
N LEU B 19 2.29 20.68 -1.03
CA LEU B 19 1.84 19.43 -1.62
C LEU B 19 0.32 19.33 -1.48
N THR B 20 -0.31 18.71 -2.48
CA THR B 20 -1.77 18.62 -2.53
C THR B 20 -2.20 17.17 -2.59
N CYS B 21 -3.06 16.78 -1.66
CA CYS B 21 -3.71 15.47 -1.66
C CYS B 21 -5.16 15.66 -2.08
N THR B 22 -5.56 15.00 -3.16
CA THR B 22 -6.89 15.15 -3.73
C THR B 22 -7.69 13.88 -3.48
N ALA B 23 -8.91 14.04 -2.97
CA ALA B 23 -9.81 12.93 -2.69
C ALA B 23 -10.75 12.71 -3.86
N SER B 24 -10.95 11.44 -4.23
CA SER B 24 -11.84 11.05 -5.30
C SER B 24 -12.77 9.95 -4.82
N GLY B 25 -14.06 10.13 -5.01
CA GLY B 25 -15.05 9.16 -4.59
C GLY B 25 -15.56 9.32 -3.18
N PHE B 26 -15.02 10.27 -2.41
CA PHE B 26 -15.46 10.50 -1.04
C PHE B 26 -15.14 11.93 -0.65
N SER B 27 -15.78 12.38 0.42
CA SER B 27 -15.64 13.74 0.91
C SER B 27 -14.81 13.77 2.18
N PHE B 28 -14.17 14.90 2.44
CA PHE B 28 -13.40 15.10 3.67
C PHE B 28 -14.35 15.53 4.79
N SER B 29 -15.15 14.56 5.24
CA SER B 29 -16.14 14.81 6.26
C SER B 29 -15.52 14.75 7.65
N HIS B 30 -16.34 14.97 8.68
CA HIS B 30 -15.86 15.00 10.05
C HIS B 30 -15.45 13.63 10.58
N ASN B 31 -15.73 12.56 9.84
CA ASN B 31 -15.38 11.22 10.29
C ASN B 31 -13.98 10.79 9.87
N TYR B 32 -13.28 11.59 9.08
CA TYR B 32 -12.01 11.18 8.49
C TYR B 32 -10.84 11.95 9.08
N VAL B 33 -9.66 11.35 8.99
CA VAL B 33 -8.41 11.96 9.41
C VAL B 33 -7.39 11.77 8.30
N MET B 34 -6.74 12.85 7.90
CA MET B 34 -5.71 12.81 6.87
C MET B 34 -4.34 13.04 7.48
N CYS B 35 -3.37 12.21 7.08
CA CYS B 35 -2.00 12.32 7.57
C CYS B 35 -1.05 12.24 6.38
N TRP B 36 0.05 12.99 6.47
CA TRP B 36 1.12 12.94 5.48
C TRP B 36 2.24 12.09 6.02
N VAL B 37 2.58 11.03 5.29
CA VAL B 37 3.64 10.10 5.68
C VAL B 37 4.77 10.20 4.67
N ARG B 38 5.98 10.34 5.18
CA ARG B 38 7.17 10.58 4.36
C ARG B 38 8.17 9.46 4.57
N GLN B 39 8.73 8.95 3.48
CA GLN B 39 9.78 7.95 3.53
C GLN B 39 10.92 8.36 2.61
N ALA B 40 12.13 8.36 3.14
CA ALA B 40 13.32 8.66 2.36
C ALA B 40 13.70 7.46 1.49
N PRO B 41 14.40 7.69 0.38
CA PRO B 41 14.83 6.56 -0.47
C PRO B 41 15.59 5.50 0.32
N GLY B 42 15.08 4.28 0.31
CA GLY B 42 15.67 3.19 1.06
C GLY B 42 15.60 3.36 2.57
N LYS B 43 14.50 3.90 3.08
CA LYS B 43 14.33 4.10 4.52
C LYS B 43 12.86 3.89 4.87
N GLY B 44 12.59 3.91 6.17
CA GLY B 44 11.25 3.64 6.67
C GLY B 44 10.32 4.82 6.51
N LEU B 45 9.09 4.63 6.99
CA LEU B 45 8.03 5.63 6.90
C LEU B 45 7.95 6.42 8.21
N GLU B 46 7.73 7.72 8.08
CA GLU B 46 7.52 8.58 9.25
C GLU B 46 6.32 9.48 9.00
N CYS B 47 5.54 9.70 10.04
CA CYS B 47 4.37 10.59 9.95
C CYS B 47 4.81 12.03 10.13
N VAL B 48 4.38 12.89 9.22
CA VAL B 48 4.80 14.29 9.22
C VAL B 48 3.76 15.14 9.95
N ALA B 49 2.51 15.10 9.49
CA ALA B 49 1.46 15.91 10.08
C ALA B 49 0.12 15.22 9.85
N CYS B 50 -0.86 15.58 10.68
CA CYS B 50 -2.20 15.03 10.58
C CYS B 50 -3.23 16.14 10.78
N ILE B 51 -4.35 15.99 10.09
CA ILE B 51 -5.49 16.90 10.23
C ILE B 51 -6.70 16.08 10.67
N TYR B 52 -7.46 16.64 11.62
CA TYR B 52 -8.62 15.98 12.19
C TYR B 52 -9.84 16.82 11.82
N PHE B 53 -10.54 16.42 10.75
CA PHE B 53 -11.68 17.17 10.27
C PHE B 53 -12.79 17.25 11.30
N GLY B 54 -12.88 16.26 12.19
CA GLY B 54 -13.93 16.28 13.20
C GLY B 54 -13.79 17.43 14.18
N PHE B 55 -12.56 17.74 14.58
CA PHE B 55 -12.31 18.78 15.56
C PHE B 55 -11.78 20.07 14.94
N GLY B 56 -11.40 20.05 13.68
CA GLY B 56 -10.84 21.23 13.06
C GLY B 56 -9.47 21.61 13.56
N ASP B 57 -8.71 20.65 14.08
CA ASP B 57 -7.37 20.88 14.61
C ASP B 57 -6.37 19.99 13.89
N THR B 58 -5.10 20.16 14.23
CA THR B 58 -4.00 19.46 13.56
C THR B 58 -3.01 18.95 14.58
N TYR B 59 -2.23 17.95 14.15
CA TYR B 59 -1.12 17.42 14.92
C TYR B 59 0.11 17.37 14.02
N TYR B 60 1.25 17.77 14.57
CA TYR B 60 2.50 17.85 13.82
C TYR B 60 3.57 17.00 14.49
N ALA B 61 4.52 16.54 13.69
CA ALA B 61 5.58 15.68 14.19
C ALA B 61 6.53 16.44 15.10
N SER B 62 7.25 15.69 15.94
CA SER B 62 8.15 16.30 16.91
C SER B 62 9.34 16.98 16.23
N TRP B 63 9.90 16.35 15.20
CA TRP B 63 11.05 16.93 14.51
C TRP B 63 10.71 18.24 13.81
N ALA B 64 9.42 18.47 13.54
CA ALA B 64 8.95 19.70 12.93
C ALA B 64 8.70 20.75 14.01
N LYS B 65 9.16 21.98 13.76
CA LYS B 65 8.97 23.11 14.67
C LYS B 65 8.43 24.27 13.85
N GLY B 66 7.11 24.32 13.69
CA GLY B 66 6.50 25.33 12.85
C GLY B 66 6.82 25.21 11.38
N ARG B 67 7.72 24.31 11.00
CA ARG B 67 8.14 24.17 9.61
C ARG B 67 7.08 23.51 8.75
N ILE B 68 6.09 22.86 9.36
CA ILE B 68 5.06 22.12 8.65
C ILE B 68 3.73 22.79 8.89
N THR B 69 2.92 22.92 7.83
CA THR B 69 1.56 23.41 7.94
C THR B 69 0.67 22.58 7.04
N ILE B 70 -0.31 21.91 7.63
CA ILE B 70 -1.27 21.09 6.88
C ILE B 70 -2.63 21.76 7.02
N SER B 71 -3.31 21.98 5.90
CA SER B 71 -4.55 22.72 5.89
C SER B 71 -5.56 22.02 4.99
N LYS B 72 -6.84 22.22 5.29
CA LYS B 72 -7.94 21.74 4.47
C LYS B 72 -8.37 22.88 3.55
N THR B 73 -8.11 22.72 2.25
CA THR B 73 -8.44 23.76 1.28
C THR B 73 -9.86 23.63 0.75
N SER B 74 -10.32 22.39 0.51
CA SER B 74 -11.66 22.14 0.02
C SER B 74 -12.20 20.88 0.68
N SER B 75 -13.42 20.49 0.31
CA SER B 75 -14.00 19.24 0.79
C SER B 75 -13.34 18.02 0.16
N THR B 76 -12.50 18.21 -0.86
CA THR B 76 -11.80 17.10 -1.50
C THR B 76 -10.31 17.37 -1.65
N THR B 77 -9.79 18.44 -1.06
CA THR B 77 -8.38 18.79 -1.18
C THR B 77 -7.79 19.07 0.19
N VAL B 78 -6.56 18.60 0.41
CA VAL B 78 -5.79 18.87 1.62
C VAL B 78 -4.37 19.21 1.19
N THR B 79 -3.80 20.27 1.76
CA THR B 79 -2.48 20.74 1.39
C THR B 79 -1.49 20.56 2.54
N LEU B 80 -0.24 20.30 2.17
CA LEU B 80 0.88 20.22 3.11
C LEU B 80 1.96 21.18 2.65
N GLN B 81 2.30 22.14 3.50
CA GLN B 81 3.31 23.15 3.18
C GLN B 81 4.53 22.94 4.06
N MET B 82 5.70 22.91 3.44
CA MET B 82 6.97 22.71 4.11
C MET B 82 7.89 23.91 3.83
N THR B 83 8.54 24.41 4.86
CA THR B 83 9.48 25.52 4.74
C THR B 83 10.88 25.05 5.09
N SER B 84 11.85 25.94 4.85
CA SER B 84 13.26 25.71 5.21
C SER B 84 13.73 24.34 4.76
N LEU B 85 13.42 24.00 3.50
CA LEU B 85 13.68 22.66 2.99
C LEU B 85 15.16 22.33 3.02
N THR B 86 15.50 21.22 3.64
CA THR B 86 16.87 20.72 3.74
C THR B 86 16.97 19.37 3.03
N ALA B 87 18.19 18.83 3.00
CA ALA B 87 18.41 17.55 2.35
C ALA B 87 17.68 16.42 3.06
N ALA B 88 17.52 16.52 4.38
CA ALA B 88 16.81 15.49 5.13
C ALA B 88 15.32 15.45 4.79
N ASP B 89 14.79 16.46 4.11
CA ASP B 89 13.42 16.47 3.66
C ASP B 89 13.26 15.84 2.28
N THR B 90 14.35 15.45 1.63
CA THR B 90 14.31 14.74 0.35
C THR B 90 13.70 13.36 0.55
N ALA B 91 12.48 13.16 0.06
CA ALA B 91 11.79 11.90 0.29
C ALA B 91 10.53 11.85 -0.58
N THR B 92 9.86 10.70 -0.53
CA THR B 92 8.56 10.50 -1.16
C THR B 92 7.48 10.71 -0.11
N TYR B 93 6.43 11.45 -0.47
CA TYR B 93 5.40 11.87 0.47
C TYR B 93 4.07 11.24 0.09
N PHE B 94 3.45 10.54 1.04
CA PHE B 94 2.14 9.95 0.87
C PHE B 94 1.12 10.67 1.75
N CYS B 95 -0.11 10.74 1.28
CA CYS B 95 -1.24 11.15 2.10
C CYS B 95 -2.11 9.93 2.36
N ALA B 96 -2.46 9.71 3.62
CA ALA B 96 -3.19 8.53 4.04
C ALA B 96 -4.47 8.93 4.78
N ARG B 97 -5.49 8.10 4.63
CA ARG B 97 -6.80 8.36 5.20
C ARG B 97 -7.08 7.37 6.34
N ALA B 98 -7.56 7.90 7.46
CA ALA B 98 -7.93 7.08 8.61
C ALA B 98 -9.33 7.45 9.07
N LEU B 99 -10.06 6.45 9.54
CA LEU B 99 -11.42 6.65 10.03
C LEU B 99 -11.39 6.85 11.55
N GLY B 100 -11.99 7.94 12.00
CA GLY B 100 -12.03 8.27 13.41
C GLY B 100 -13.40 7.95 14.02
N TYR B 101 -13.39 7.46 15.24
CA TYR B 101 -14.62 7.09 15.92
C TYR B 101 -14.43 7.20 17.43
N TYR B 102 -15.54 7.23 18.14
CA TYR B 102 -15.56 7.34 19.59
C TYR B 102 -15.89 5.99 20.22
N ILE B 103 -15.23 5.67 21.33
CA ILE B 103 -15.57 4.54 22.18
C ILE B 103 -15.59 5.01 23.62
N TYR B 104 -16.25 4.23 24.48
CA TYR B 104 -16.40 4.53 25.91
C TYR B 104 -15.51 3.59 26.71
N GLY B 105 -14.87 4.12 27.77
CA GLY B 105 -13.86 3.41 28.56
C GLY B 105 -13.94 3.88 30.01
N ASP B 106 -13.01 3.48 30.86
CA ASP B 106 -13.17 3.93 32.24
C ASP B 106 -12.70 5.36 32.43
N ALA B 107 -11.67 5.76 31.70
CA ALA B 107 -11.28 7.16 31.70
C ALA B 107 -12.43 8.04 31.21
N GLY B 108 -13.17 7.57 30.19
CA GLY B 108 -14.25 8.36 29.64
C GLY B 108 -14.49 8.08 28.17
N ASP B 109 -14.47 9.13 27.35
CA ASP B 109 -14.66 9.00 25.91
C ASP B 109 -13.32 9.10 25.21
N ILE B 110 -13.10 8.20 24.25
CA ILE B 110 -11.83 8.10 23.53
C ILE B 110 -12.08 8.20 22.03
N TYR B 111 -11.33 9.06 21.37
CA TYR B 111 -11.36 9.17 19.91
C TYR B 111 -10.22 8.34 19.32
N ILE B 112 -10.57 7.42 18.42
CA ILE B 112 -9.61 6.48 17.86
C ILE B 112 -9.54 6.68 16.36
N ALA B 113 -8.32 6.92 15.86
CA ALA B 113 -8.02 6.88 14.43
C ALA B 113 -6.70 6.09 14.33
N ASP B 114 -6.83 4.77 14.22
CA ASP B 114 -5.71 3.87 14.49
C ASP B 114 -4.88 3.49 13.27
N TYR B 115 -5.48 3.33 12.09
CA TYR B 115 -4.74 2.80 10.96
C TYR B 115 -5.17 3.48 9.66
N PHE B 116 -4.31 3.37 8.65
CA PHE B 116 -4.52 3.99 7.34
C PHE B 116 -4.86 2.90 6.33
N LYS B 117 -6.12 2.85 5.89
CA LYS B 117 -6.53 1.87 4.90
C LYS B 117 -6.25 2.36 3.48
N LEU B 118 -6.52 3.63 3.20
CA LEU B 118 -6.40 4.19 1.86
C LEU B 118 -5.15 5.04 1.77
N TRP B 119 -4.31 4.76 0.78
CA TRP B 119 -3.08 5.51 0.52
C TRP B 119 -3.10 6.04 -0.90
N GLY B 120 -2.17 6.96 -1.17
CA GLY B 120 -1.99 7.48 -2.50
C GLY B 120 -0.70 6.99 -3.13
N PRO B 121 -0.59 7.10 -4.46
CA PRO B 121 0.66 6.69 -5.12
C PRO B 121 1.88 7.44 -4.63
N GLY B 122 1.71 8.71 -4.24
CA GLY B 122 2.79 9.47 -3.65
C GLY B 122 3.45 10.43 -4.64
N THR B 123 4.15 11.41 -4.10
CA THR B 123 4.93 12.35 -4.88
C THR B 123 6.32 12.48 -4.28
N LEU B 124 7.31 12.66 -5.13
CA LEU B 124 8.71 12.73 -4.70
C LEU B 124 9.13 14.18 -4.57
N VAL B 125 9.71 14.51 -3.42
CA VAL B 125 10.25 15.84 -3.16
C VAL B 125 11.76 15.70 -3.08
N THR B 126 12.47 16.39 -3.98
CA THR B 126 13.92 16.40 -4.00
C THR B 126 14.42 17.79 -3.65
N VAL B 127 15.29 17.88 -2.66
CA VAL B 127 15.84 19.16 -2.20
C VAL B 127 17.34 19.10 -2.42
N SER B 128 17.82 19.83 -3.41
CA SER B 128 19.24 19.89 -3.72
C SER B 128 19.50 21.12 -4.57
N SER B 129 20.78 21.49 -4.66
CA SER B 129 21.19 22.63 -5.49
C SER B 129 21.35 22.26 -6.96
N GLY B 130 21.22 20.99 -7.30
CA GLY B 130 21.37 20.57 -8.68
C GLY B 130 20.20 21.01 -9.55
N GLN B 131 20.35 20.75 -10.85
CA GLN B 131 19.38 21.19 -11.84
C GLN B 131 18.91 20.01 -12.67
N PRO B 132 17.67 20.06 -13.17
CA PRO B 132 17.15 18.95 -13.97
C PRO B 132 17.94 18.77 -15.26
N LYS B 133 18.45 17.56 -15.44
CA LYS B 133 19.16 17.18 -16.67
C LYS B 133 18.51 15.95 -17.26
N ALA B 134 18.25 15.99 -18.57
CA ALA B 134 17.71 14.83 -19.28
C ALA B 134 18.79 13.76 -19.43
N PRO B 135 18.39 12.49 -19.47
CA PRO B 135 19.38 11.41 -19.57
C PRO B 135 19.94 11.27 -20.98
N SER B 136 21.10 10.62 -21.05
CA SER B 136 21.70 10.19 -22.30
C SER B 136 21.60 8.67 -22.36
N VAL B 137 21.03 8.15 -23.45
CA VAL B 137 20.80 6.72 -23.60
C VAL B 137 21.81 6.17 -24.61
N PHE B 138 22.46 5.08 -24.23
CA PHE B 138 23.44 4.44 -25.08
C PHE B 138 23.11 2.95 -25.18
N PRO B 139 23.33 2.33 -26.34
CA PRO B 139 22.95 0.93 -26.52
C PRO B 139 23.93 -0.03 -25.87
N LEU B 140 23.38 -1.08 -25.27
CA LEU B 140 24.17 -2.22 -24.80
C LEU B 140 24.03 -3.30 -25.88
N ALA B 141 24.97 -3.29 -26.82
CA ALA B 141 24.83 -4.09 -28.03
C ALA B 141 24.88 -5.59 -27.69
N PRO B 142 23.99 -6.39 -28.28
CA PRO B 142 23.99 -7.85 -28.08
C PRO B 142 24.98 -8.58 -28.99
N SER B 143 26.25 -8.62 -28.55
CA SER B 143 27.28 -9.33 -29.28
C SER B 143 27.26 -10.82 -28.91
N SER B 144 28.21 -11.57 -29.48
CA SER B 144 28.30 -12.99 -29.16
C SER B 144 28.72 -13.20 -27.71
N LYS B 145 29.52 -12.30 -27.15
CA LYS B 145 29.83 -12.35 -25.72
C LYS B 145 28.63 -12.02 -24.86
N SER B 146 27.54 -11.55 -25.45
CA SER B 146 26.27 -11.38 -24.76
C SER B 146 25.33 -12.57 -24.95
N THR B 147 25.79 -13.62 -25.63
CA THR B 147 24.98 -14.79 -25.92
C THR B 147 25.49 -15.99 -25.14
N SER B 148 24.57 -16.70 -24.48
CA SER B 148 24.92 -17.91 -23.73
C SER B 148 23.71 -18.83 -23.72
N GLY B 149 23.92 -20.07 -24.18
CA GLY B 149 22.84 -21.05 -24.19
C GLY B 149 21.69 -20.70 -25.13
N GLY B 150 22.00 -20.17 -26.31
CA GLY B 150 20.97 -19.80 -27.25
C GLY B 150 20.18 -18.57 -26.88
N THR B 151 20.57 -17.89 -25.80
CA THR B 151 19.88 -16.69 -25.33
C THR B 151 20.87 -15.53 -25.30
N ALA B 152 20.43 -14.36 -25.76
CA ALA B 152 21.27 -13.19 -25.84
C ALA B 152 20.77 -12.10 -24.90
N ALA B 153 21.71 -11.31 -24.38
CA ALA B 153 21.40 -10.21 -23.48
C ALA B 153 21.68 -8.89 -24.18
N LEU B 154 20.69 -8.00 -24.16
CA LEU B 154 20.81 -6.67 -24.73
C LEU B 154 20.11 -5.68 -23.82
N GLY B 155 20.42 -4.39 -23.99
CA GLY B 155 19.81 -3.39 -23.14
C GLY B 155 20.22 -1.99 -23.53
N CYS B 156 19.85 -1.05 -22.67
CA CYS B 156 20.15 0.36 -22.85
C CYS B 156 20.72 0.91 -21.54
N LEU B 157 21.64 1.86 -21.66
CA LEU B 157 22.25 2.52 -20.52
C LEU B 157 21.71 3.95 -20.43
N VAL B 158 20.97 4.23 -19.37
CA VAL B 158 20.39 5.55 -19.13
C VAL B 158 21.30 6.27 -18.15
N LYS B 159 22.01 7.30 -18.62
CA LYS B 159 23.13 7.88 -17.89
C LYS B 159 23.00 9.40 -17.82
N ASP B 160 23.45 9.96 -16.70
CA ASP B 160 23.49 11.41 -16.44
C ASP B 160 22.09 12.04 -16.54
N TYR B 161 21.23 11.66 -15.60
CA TYR B 161 19.96 12.35 -15.44
C TYR B 161 19.77 12.79 -14.00
N PHE B 162 18.90 13.78 -13.83
CA PHE B 162 18.49 14.36 -12.57
C PHE B 162 17.21 15.16 -12.83
N PRO B 163 16.16 15.00 -12.01
CA PRO B 163 16.01 14.07 -10.89
C PRO B 163 15.30 12.79 -11.28
N GLU B 164 15.11 11.90 -10.31
CA GLU B 164 14.27 10.74 -10.51
C GLU B 164 12.81 11.17 -10.65
N PRO B 165 11.96 10.33 -11.26
CA PRO B 165 12.22 9.00 -11.80
C PRO B 165 12.39 8.97 -13.32
N VAL B 166 12.95 7.88 -13.82
CA VAL B 166 12.95 7.59 -15.25
C VAL B 166 12.19 6.29 -15.47
N THR B 167 11.53 6.18 -16.61
CA THR B 167 10.72 5.03 -16.95
C THR B 167 11.25 4.39 -18.22
N VAL B 168 11.52 3.09 -18.16
CA VAL B 168 12.07 2.34 -19.29
C VAL B 168 11.07 1.26 -19.69
N SER B 169 10.72 1.23 -20.97
CA SER B 169 9.88 0.19 -21.54
C SER B 169 10.58 -0.36 -22.77
N TRP B 170 10.20 -1.58 -23.15
CA TRP B 170 10.82 -2.27 -24.28
C TRP B 170 9.76 -2.56 -25.34
N ASN B 171 10.02 -2.09 -26.56
CA ASN B 171 9.10 -2.25 -27.69
C ASN B 171 7.71 -1.71 -27.37
N SER B 172 7.68 -0.54 -26.72
CA SER B 172 6.42 0.12 -26.34
C SER B 172 5.54 -0.79 -25.48
N GLY B 173 6.17 -1.54 -24.59
CA GLY B 173 5.45 -2.45 -23.72
C GLY B 173 5.15 -3.81 -24.30
N ALA B 174 5.51 -4.05 -25.56
CA ALA B 174 5.26 -5.37 -26.16
C ALA B 174 6.11 -6.44 -25.51
N LEU B 175 7.36 -6.12 -25.20
CA LEU B 175 8.30 -7.08 -24.61
C LEU B 175 8.44 -6.77 -23.12
N THR B 176 7.89 -7.66 -22.28
CA THR B 176 8.03 -7.56 -20.84
C THR B 176 8.68 -8.77 -20.20
N SER B 177 8.81 -9.88 -20.92
CA SER B 177 9.40 -11.09 -20.37
C SER B 177 10.92 -11.01 -20.46
N GLY B 178 11.59 -11.31 -19.35
CA GLY B 178 13.03 -11.29 -19.29
C GLY B 178 13.65 -9.92 -19.10
N VAL B 179 12.84 -8.89 -18.88
CA VAL B 179 13.34 -7.53 -18.74
C VAL B 179 13.76 -7.30 -17.29
N HIS B 180 14.98 -6.78 -17.11
CA HIS B 180 15.49 -6.39 -15.80
C HIS B 180 15.94 -4.94 -15.88
N THR B 181 15.19 -4.04 -15.24
CA THR B 181 15.52 -2.62 -15.17
C THR B 181 16.06 -2.33 -13.78
N PHE B 182 17.37 -2.11 -13.69
CA PHE B 182 18.01 -1.96 -12.39
C PHE B 182 17.67 -0.60 -11.77
N PRO B 183 17.68 -0.52 -10.43
CA PRO B 183 17.48 0.78 -9.78
C PRO B 183 18.64 1.72 -10.05
N ALA B 184 18.35 3.01 -10.04
CA ALA B 184 19.36 4.02 -10.31
C ALA B 184 20.34 4.16 -9.16
N VAL B 185 21.58 4.48 -9.49
CA VAL B 185 22.63 4.74 -8.51
C VAL B 185 23.14 6.16 -8.73
N LEU B 186 23.12 6.98 -7.67
CA LEU B 186 23.69 8.32 -7.73
C LEU B 186 25.19 8.25 -7.99
N GLN B 187 25.62 8.84 -9.11
CA GLN B 187 27.02 8.83 -9.49
C GLN B 187 27.80 9.88 -8.71
N SER B 188 29.13 9.77 -8.76
CA SER B 188 29.99 10.76 -8.13
C SER B 188 29.81 12.14 -8.75
N SER B 189 29.32 12.20 -9.98
CA SER B 189 29.01 13.47 -10.62
C SER B 189 27.87 14.22 -9.95
N GLY B 190 27.18 13.58 -9.00
CA GLY B 190 25.97 14.14 -8.43
C GLY B 190 24.72 13.81 -9.20
N LEU B 191 24.81 12.98 -10.23
CA LEU B 191 23.69 12.60 -11.07
C LEU B 191 23.36 11.13 -10.87
N TYR B 192 22.38 10.66 -11.65
CA TYR B 192 21.89 9.29 -11.56
C TYR B 192 22.17 8.55 -12.86
N SER B 193 22.40 7.25 -12.75
CA SER B 193 22.58 6.39 -13.91
C SER B 193 21.76 5.12 -13.72
N LEU B 194 21.23 4.61 -14.83
CA LEU B 194 20.34 3.45 -14.79
C LEU B 194 20.61 2.58 -16.01
N SER B 195 20.48 1.27 -15.82
CA SER B 195 20.62 0.29 -16.88
C SER B 195 19.39 -0.61 -16.92
N SER B 196 18.93 -0.91 -18.13
CA SER B 196 17.85 -1.86 -18.35
C SER B 196 18.32 -2.89 -19.35
N VAL B 197 18.08 -4.18 -19.04
CA VAL B 197 18.52 -5.28 -19.89
C VAL B 197 17.37 -6.26 -20.07
N VAL B 198 17.48 -7.08 -21.10
CA VAL B 198 16.48 -8.10 -21.39
C VAL B 198 17.16 -9.26 -22.12
N THR B 199 16.82 -10.48 -21.72
CA THR B 199 17.33 -11.68 -22.36
C THR B 199 16.33 -12.14 -23.43
N VAL B 200 16.81 -12.30 -24.65
CA VAL B 200 15.95 -12.65 -25.79
C VAL B 200 16.57 -13.83 -26.52
N PRO B 201 15.78 -14.58 -27.28
CA PRO B 201 16.35 -15.67 -28.09
C PRO B 201 17.40 -15.15 -29.06
N SER B 202 18.45 -15.94 -29.25
CA SER B 202 19.55 -15.54 -30.10
C SER B 202 19.14 -15.54 -31.57
N SER B 203 18.30 -16.50 -31.97
CA SER B 203 17.89 -16.59 -33.37
C SER B 203 17.01 -15.42 -33.81
N SER B 204 16.45 -14.67 -32.87
CA SER B 204 15.60 -13.52 -33.18
C SER B 204 16.38 -12.23 -33.27
N LEU B 205 17.71 -12.28 -33.17
CA LEU B 205 18.51 -11.04 -33.23
C LEU B 205 18.41 -10.39 -34.60
N GLY B 206 18.60 -11.17 -35.67
CA GLY B 206 18.49 -10.63 -37.00
C GLY B 206 17.07 -10.45 -37.49
N THR B 207 16.09 -11.07 -36.83
CA THR B 207 14.71 -11.01 -37.26
C THR B 207 13.93 -9.95 -36.51
N GLN B 208 13.91 -10.03 -35.18
CA GLN B 208 13.09 -9.15 -34.36
C GLN B 208 13.81 -7.84 -34.09
N THR B 209 13.02 -6.84 -33.72
CA THR B 209 13.51 -5.50 -33.41
C THR B 209 13.34 -5.22 -31.93
N TYR B 210 14.35 -4.59 -31.34
CA TYR B 210 14.36 -4.28 -29.91
C TYR B 210 14.64 -2.80 -29.73
N ILE B 211 13.64 -2.07 -29.24
CA ILE B 211 13.76 -0.64 -28.96
C ILE B 211 13.37 -0.41 -27.51
N CYS B 212 14.21 0.32 -26.79
CA CYS B 212 13.93 0.69 -25.40
C CYS B 212 13.33 2.09 -25.37
N ASN B 213 12.21 2.23 -24.67
CA ASN B 213 11.51 3.51 -24.54
C ASN B 213 11.86 4.11 -23.19
N VAL B 214 12.57 5.24 -23.22
CA VAL B 214 13.03 5.92 -22.02
C VAL B 214 12.19 7.18 -21.82
N ASN B 215 11.69 7.35 -20.60
CA ASN B 215 10.78 8.45 -20.26
C ASN B 215 11.32 9.19 -19.05
N HIS B 216 11.79 10.42 -19.27
CA HIS B 216 12.18 11.31 -18.18
C HIS B 216 11.13 12.43 -18.12
N LYS B 217 10.07 12.17 -17.35
CA LYS B 217 9.02 13.17 -17.21
C LYS B 217 9.49 14.52 -16.69
N PRO B 218 10.42 14.62 -15.71
CA PRO B 218 10.82 15.96 -15.25
C PRO B 218 11.35 16.86 -16.37
N SER B 219 12.06 16.30 -17.35
CA SER B 219 12.58 17.07 -18.47
C SER B 219 11.79 16.86 -19.75
N ASN B 220 10.68 16.11 -19.69
CA ASN B 220 9.84 15.85 -20.85
C ASN B 220 10.66 15.24 -21.99
N THR B 221 11.59 14.36 -21.63
CA THR B 221 12.50 13.75 -22.61
C THR B 221 12.06 12.33 -22.89
N LYS B 222 11.33 12.16 -23.99
CA LYS B 222 11.02 10.84 -24.53
C LYS B 222 12.09 10.48 -25.55
N VAL B 223 12.81 9.39 -25.30
CA VAL B 223 13.83 8.92 -26.23
C VAL B 223 13.64 7.42 -26.43
N ASP B 224 13.48 7.01 -27.68
CA ASP B 224 13.40 5.60 -28.05
C ASP B 224 14.65 5.24 -28.83
N LYS B 225 15.40 4.26 -28.34
CA LYS B 225 16.68 3.88 -28.91
C LYS B 225 16.63 2.43 -29.37
N ARG B 226 17.18 2.17 -30.56
CA ARG B 226 17.21 0.84 -31.14
C ARG B 226 18.54 0.17 -30.84
N VAL B 227 18.49 -1.08 -30.41
CA VAL B 227 19.67 -1.88 -30.10
C VAL B 227 19.68 -3.09 -31.01
N GLU B 228 20.76 -3.25 -31.77
CA GLU B 228 20.96 -4.39 -32.66
C GLU B 228 22.40 -4.83 -32.54
N PRO B 229 22.74 -6.06 -32.94
CA PRO B 229 24.10 -6.55 -32.79
C PRO B 229 25.11 -5.71 -33.54
N LYS B 230 26.30 -5.58 -32.96
CA LYS B 230 27.37 -4.80 -33.55
C LYS B 230 28.28 -5.68 -34.41
N ASP C 2 8.05 10.18 21.35
CA ASP C 2 8.11 9.62 22.69
C ASP C 2 7.89 8.12 22.67
N ILE C 3 7.22 7.63 21.63
CA ILE C 3 6.89 6.22 21.48
C ILE C 3 7.73 5.65 20.35
N VAL C 4 8.40 4.54 20.63
CA VAL C 4 9.28 3.88 19.65
C VAL C 4 8.73 2.49 19.35
N MET C 5 8.79 2.10 18.08
CA MET C 5 8.41 0.76 17.64
C MET C 5 9.67 0.07 17.13
N THR C 6 10.17 -0.90 17.89
CA THR C 6 11.36 -1.63 17.52
C THR C 6 10.94 -2.88 16.76
N GLN C 7 11.30 -2.96 15.49
CA GLN C 7 10.95 -4.07 14.61
C GLN C 7 12.21 -4.88 14.33
N THR C 8 12.12 -6.20 14.53
CA THR C 8 13.28 -7.06 14.35
C THR C 8 12.84 -8.41 13.82
N PRO C 9 13.69 -9.10 13.03
CA PRO C 9 15.01 -8.66 12.54
C PRO C 9 14.88 -7.76 11.32
N ALA C 10 16.00 -7.21 10.84
CA ALA C 10 15.96 -6.38 9.64
C ALA C 10 15.61 -7.18 8.39
N SER C 11 15.79 -8.50 8.42
CA SER C 11 15.48 -9.34 7.28
C SER C 11 15.14 -10.74 7.77
N VAL C 12 14.12 -11.33 7.15
CA VAL C 12 13.70 -12.70 7.43
C VAL C 12 13.71 -13.49 6.13
N GLU C 13 14.14 -14.74 6.20
CA GLU C 13 14.21 -15.59 5.04
C GLU C 13 13.53 -16.92 5.31
N ALA C 14 12.95 -17.50 4.27
CA ALA C 14 12.30 -18.81 4.33
C ALA C 14 12.04 -19.28 2.91
N ALA C 15 12.08 -20.59 2.72
CA ALA C 15 11.78 -21.16 1.42
C ALA C 15 10.27 -21.11 1.15
N VAL C 16 9.90 -21.44 -0.10
CA VAL C 16 8.49 -21.45 -0.46
C VAL C 16 7.75 -22.47 0.39
N GLY C 17 6.65 -22.04 0.99
CA GLY C 17 5.93 -22.86 1.94
C GLY C 17 6.38 -22.72 3.38
N GLY C 18 7.44 -21.96 3.64
CA GLY C 18 7.94 -21.78 4.99
C GLY C 18 7.15 -20.73 5.75
N THR C 19 7.69 -20.40 6.93
CA THR C 19 7.06 -19.45 7.84
C THR C 19 8.09 -18.45 8.32
N VAL C 20 7.74 -17.16 8.25
CA VAL C 20 8.59 -16.09 8.77
C VAL C 20 7.84 -15.38 9.89
N THR C 21 8.60 -14.91 10.87
CA THR C 21 8.05 -14.20 12.02
C THR C 21 8.75 -12.86 12.17
N ILE C 22 7.97 -11.80 12.32
CA ILE C 22 8.48 -10.43 12.47
C ILE C 22 7.97 -9.89 13.80
N LYS C 23 8.88 -9.44 14.66
CA LYS C 23 8.51 -8.97 15.98
C LYS C 23 8.53 -7.45 16.02
N CYS C 24 7.55 -6.87 16.71
CA CYS C 24 7.43 -5.42 16.85
C CYS C 24 7.10 -5.12 18.31
N GLN C 25 7.98 -4.37 18.97
CA GLN C 25 7.83 -4.04 20.38
C GLN C 25 7.59 -2.54 20.53
N ALA C 26 6.58 -2.19 21.31
CA ALA C 26 6.27 -0.80 21.61
C ALA C 26 6.94 -0.39 22.92
N SER C 27 7.42 0.85 22.97
CA SER C 27 8.03 1.35 24.20
C SER C 27 7.03 1.40 25.33
N GLN C 28 5.79 1.82 25.04
CA GLN C 28 4.71 1.83 26.00
C GLN C 28 3.52 1.07 25.42
N SER C 29 2.62 0.65 26.29
CA SER C 29 1.47 -0.13 25.85
C SER C 29 0.60 0.67 24.90
N ILE C 30 0.23 0.05 23.78
CA ILE C 30 -0.65 0.66 22.79
C ILE C 30 -1.97 -0.09 22.70
N SER C 31 -2.28 -0.91 23.71
CA SER C 31 -3.50 -1.72 23.75
C SER C 31 -3.52 -2.62 22.53
N LYS C 32 -4.60 -2.67 21.76
CA LYS C 32 -4.70 -3.50 20.57
C LYS C 32 -4.44 -2.74 19.28
N TYR C 33 -4.08 -1.45 19.37
CA TYR C 33 -4.01 -0.59 18.19
C TYR C 33 -2.62 -0.69 17.57
N LEU C 34 -2.42 -1.74 16.78
CA LEU C 34 -1.20 -1.96 16.03
C LEU C 34 -1.59 -2.47 14.65
N ALA C 35 -0.84 -2.08 13.63
CA ALA C 35 -1.17 -2.43 12.26
C ALA C 35 0.07 -2.89 11.52
N TRP C 36 -0.13 -3.73 10.51
CA TRP C 36 0.94 -4.28 9.69
C TRP C 36 0.72 -3.91 8.24
N TYR C 37 1.78 -3.47 7.57
CA TYR C 37 1.71 -3.01 6.20
C TYR C 37 2.73 -3.76 5.34
N GLN C 38 2.31 -4.12 4.12
CA GLN C 38 3.20 -4.68 3.12
C GLN C 38 3.52 -3.61 2.08
N GLN C 39 4.79 -3.49 1.73
CA GLN C 39 5.22 -2.52 0.74
C GLN C 39 6.18 -3.17 -0.24
N LYS C 40 5.89 -3.06 -1.52
CA LYS C 40 6.74 -3.42 -2.63
C LYS C 40 7.34 -2.16 -3.24
N PRO C 41 8.54 -2.26 -3.84
CA PRO C 41 9.24 -1.05 -4.28
C PRO C 41 8.42 -0.23 -5.27
N GLY C 42 8.46 1.09 -5.10
CA GLY C 42 7.72 1.99 -5.97
C GLY C 42 6.22 1.99 -5.76
N GLN C 43 5.75 1.47 -4.63
CA GLN C 43 4.32 1.31 -4.39
C GLN C 43 3.96 1.85 -3.00
N PRO C 44 2.71 2.27 -2.82
CA PRO C 44 2.27 2.68 -1.48
C PRO C 44 2.19 1.48 -0.56
N PRO C 45 2.30 1.69 0.76
CA PRO C 45 2.11 0.57 1.69
C PRO C 45 0.70 0.00 1.57
N LYS C 46 0.60 -1.32 1.70
CA LYS C 46 -0.66 -2.03 1.61
C LYS C 46 -1.02 -2.59 2.98
N LEU C 47 -2.20 -2.24 3.47
CA LEU C 47 -2.63 -2.67 4.80
C LEU C 47 -2.92 -4.17 4.81
N LEU C 48 -2.36 -4.87 5.80
CA LEU C 48 -2.59 -6.30 5.98
C LEU C 48 -3.40 -6.59 7.24
N ILE C 49 -2.98 -6.05 8.39
CA ILE C 49 -3.63 -6.30 9.67
C ILE C 49 -3.92 -4.96 10.32
N PHE C 50 -5.11 -4.82 10.90
CA PHE C 50 -5.45 -3.69 11.74
C PHE C 50 -6.01 -4.21 13.06
N GLU C 51 -5.88 -3.39 14.10
CA GLU C 51 -6.20 -3.78 15.48
C GLU C 51 -5.38 -4.98 15.92
N ALA C 52 -4.24 -5.21 15.27
CA ALA C 52 -3.16 -6.12 15.65
C ALA C 52 -3.51 -7.59 15.48
N SER C 53 -4.77 -7.92 15.20
CA SER C 53 -5.13 -9.31 14.94
C SER C 53 -6.19 -9.48 13.86
N THR C 54 -6.75 -8.41 13.31
CA THR C 54 -7.89 -8.52 12.39
C THR C 54 -7.39 -8.49 10.96
N LEU C 55 -7.75 -9.51 10.19
CA LEU C 55 -7.33 -9.62 8.81
C LEU C 55 -8.12 -8.67 7.92
N GLU C 56 -7.41 -7.88 7.11
CA GLU C 56 -8.07 -7.04 6.13
C GLU C 56 -8.70 -7.91 5.04
N SER C 57 -9.87 -7.51 4.58
CA SER C 57 -10.58 -8.28 3.56
C SER C 57 -9.75 -8.40 2.29
N GLY C 58 -9.68 -9.61 1.74
CA GLY C 58 -8.88 -9.88 0.57
C GLY C 58 -7.46 -10.30 0.84
N VAL C 59 -7.02 -10.26 2.09
CA VAL C 59 -5.66 -10.69 2.46
C VAL C 59 -5.72 -12.15 2.85
N PRO C 60 -4.83 -13.00 2.33
CA PRO C 60 -4.87 -14.43 2.66
C PRO C 60 -4.62 -14.67 4.15
N SER C 61 -5.18 -15.78 4.64
CA SER C 61 -5.13 -16.11 6.06
C SER C 61 -3.73 -16.46 6.54
N ARG C 62 -2.79 -16.74 5.64
CA ARG C 62 -1.43 -17.06 6.07
C ARG C 62 -0.70 -15.86 6.66
N PHE C 63 -1.22 -14.65 6.48
CA PHE C 63 -0.76 -13.49 7.21
C PHE C 63 -1.55 -13.42 8.52
N LYS C 64 -0.86 -13.57 9.65
CA LYS C 64 -1.54 -13.57 10.94
C LYS C 64 -0.83 -12.62 11.89
N GLY C 65 -1.58 -11.73 12.51
CA GLY C 65 -1.06 -10.80 13.50
C GLY C 65 -1.52 -11.20 14.89
N ARG C 66 -0.59 -11.17 15.84
CA ARG C 66 -0.88 -11.54 17.21
C ARG C 66 -0.16 -10.58 18.16
N GLY C 67 -0.65 -10.51 19.38
CA GLY C 67 0.00 -9.75 20.43
C GLY C 67 -0.87 -8.62 20.93
N SER C 68 -0.33 -7.92 21.93
CA SER C 68 -1.02 -6.83 22.61
C SER C 68 0.00 -6.12 23.49
N GLY C 69 -0.48 -5.13 24.24
CA GLY C 69 0.37 -4.41 25.18
C GLY C 69 1.55 -3.76 24.50
N THR C 70 2.74 -4.32 24.70
CA THR C 70 3.97 -3.81 24.11
C THR C 70 4.65 -4.82 23.19
N GLU C 71 4.00 -5.95 22.88
CA GLU C 71 4.62 -7.00 22.10
C GLU C 71 3.66 -7.48 21.02
N PHE C 72 4.13 -7.52 19.77
CA PHE C 72 3.32 -7.97 18.65
C PHE C 72 4.18 -8.79 17.69
N THR C 73 3.53 -9.70 16.97
CA THR C 73 4.21 -10.53 15.98
C THR C 73 3.33 -10.63 14.73
N LEU C 74 3.99 -10.64 13.57
CA LEU C 74 3.35 -10.95 12.30
C LEU C 74 3.99 -12.21 11.75
N THR C 75 3.18 -13.24 11.52
CA THR C 75 3.66 -14.52 11.01
C THR C 75 3.10 -14.75 9.62
N ILE C 76 3.97 -15.12 8.69
CA ILE C 76 3.59 -15.43 7.32
C ILE C 76 3.99 -16.88 7.07
N SER C 77 3.01 -17.78 7.10
CA SER C 77 3.22 -19.18 6.80
C SER C 77 2.90 -19.45 5.33
N ASP C 78 3.28 -20.65 4.88
CA ASP C 78 3.05 -21.06 3.49
C ASP C 78 3.56 -20.00 2.52
N LEU C 79 4.82 -19.63 2.70
CA LEU C 79 5.38 -18.49 1.99
C LEU C 79 5.32 -18.69 0.48
N GLU C 80 4.85 -17.67 -0.21
CA GLU C 80 4.80 -17.64 -1.66
C GLU C 80 5.93 -16.78 -2.20
N CYS C 81 6.18 -16.91 -3.52
CA CYS C 81 7.25 -16.12 -4.13
C CYS C 81 6.92 -14.64 -4.14
N ALA C 82 5.64 -14.29 -4.27
CA ALA C 82 5.23 -12.88 -4.30
C ALA C 82 5.26 -12.22 -2.93
N ASP C 83 5.50 -12.97 -1.86
CA ASP C 83 5.56 -12.39 -0.52
C ASP C 83 6.84 -11.59 -0.27
N ALA C 84 7.81 -11.66 -1.18
CA ALA C 84 9.06 -10.94 -1.02
C ALA C 84 8.82 -9.43 -1.14
N ALA C 85 8.88 -8.73 -0.01
CA ALA C 85 8.61 -7.30 0.04
C ALA C 85 9.12 -6.79 1.39
N THR C 86 8.79 -5.54 1.71
CA THR C 86 9.11 -4.94 3.00
C THR C 86 7.85 -4.79 3.83
N TYR C 87 7.95 -5.13 5.11
CA TYR C 87 6.81 -5.14 6.00
C TYR C 87 7.05 -4.19 7.17
N TYR C 88 6.02 -3.43 7.52
CA TYR C 88 6.12 -2.40 8.56
C TYR C 88 5.04 -2.61 9.60
N CYS C 89 5.37 -2.31 10.86
CA CYS C 89 4.41 -2.30 11.95
C CYS C 89 4.17 -0.86 12.37
N GLN C 90 2.90 -0.49 12.52
CA GLN C 90 2.51 0.87 12.89
C GLN C 90 1.65 0.82 14.14
N GLY C 91 2.07 1.52 15.19
CA GLY C 91 1.32 1.60 16.42
C GLY C 91 0.59 2.93 16.53
N TYR C 92 -0.50 2.93 17.30
CA TYR C 92 -1.27 4.14 17.56
C TYR C 92 -1.42 4.32 19.06
N TYR C 93 -1.02 5.48 19.56
CA TYR C 93 -1.16 5.84 20.96
C TYR C 93 -2.27 6.88 21.05
N TYR C 94 -3.44 6.45 21.55
CA TYR C 94 -4.60 7.34 21.56
C TYR C 94 -4.37 8.55 22.46
N SER C 95 -3.54 8.40 23.50
CA SER C 95 -3.29 9.51 24.42
C SER C 95 -2.61 10.68 23.70
N SER C 96 -1.63 10.38 22.85
CA SER C 96 -0.87 11.42 22.16
C SER C 96 -1.29 11.60 20.71
N HIS C 97 -2.22 10.79 20.20
CA HIS C 97 -2.69 10.88 18.83
C HIS C 97 -1.54 10.80 17.83
N SER C 98 -0.57 9.93 18.11
CA SER C 98 0.64 9.82 17.31
C SER C 98 0.69 8.47 16.60
N TYR C 99 1.30 8.47 15.42
CA TYR C 99 1.47 7.28 14.60
C TYR C 99 2.96 7.00 14.45
N VAL C 100 3.40 5.86 14.99
CA VAL C 100 4.80 5.48 14.98
C VAL C 100 4.97 4.22 14.14
N PHE C 101 5.88 4.26 13.18
CA PHE C 101 6.15 3.14 12.30
C PHE C 101 7.41 2.41 12.76
N GLY C 102 7.43 1.11 12.54
CA GLY C 102 8.61 0.32 12.82
C GLY C 102 9.70 0.55 11.79
N GLY C 103 10.89 0.03 12.12
CA GLY C 103 12.02 0.20 11.22
C GLY C 103 11.81 -0.47 9.88
N GLY C 104 11.20 -1.65 9.88
CA GLY C 104 10.93 -2.36 8.64
C GLY C 104 11.66 -3.68 8.55
N THR C 105 11.06 -4.65 7.85
CA THR C 105 11.65 -5.96 7.67
C THR C 105 11.47 -6.40 6.23
N GLU C 106 12.53 -6.95 5.65
CA GLU C 106 12.51 -7.46 4.28
C GLU C 106 12.40 -8.98 4.31
N VAL C 107 11.48 -9.52 3.51
CA VAL C 107 11.28 -10.96 3.41
C VAL C 107 12.01 -11.45 2.16
N VAL C 108 12.89 -12.44 2.34
CA VAL C 108 13.66 -13.03 1.26
C VAL C 108 13.18 -14.46 1.06
N VAL C 109 12.81 -14.79 -0.17
CA VAL C 109 12.32 -16.13 -0.50
C VAL C 109 13.51 -17.02 -0.78
N LYS C 110 13.79 -17.95 0.14
CA LYS C 110 14.92 -18.86 -0.04
C LYS C 110 14.64 -19.84 -1.18
N ARG C 111 15.68 -20.14 -1.95
CA ARG C 111 15.58 -21.09 -3.05
C ARG C 111 16.94 -21.71 -3.28
N THR C 112 17.03 -22.56 -4.29
CA THR C 112 18.28 -23.24 -4.61
C THR C 112 19.29 -22.23 -5.16
N VAL C 113 20.56 -22.49 -4.85
CA VAL C 113 21.64 -21.62 -5.32
C VAL C 113 21.72 -21.68 -6.84
N ALA C 114 21.75 -20.51 -7.47
CA ALA C 114 21.80 -20.41 -8.92
C ALA C 114 23.02 -19.59 -9.32
N ALA C 115 23.80 -20.11 -10.26
CA ALA C 115 24.98 -19.40 -10.73
C ALA C 115 24.56 -18.22 -11.61
N PRO C 116 25.24 -17.08 -11.50
CA PRO C 116 24.92 -15.96 -12.39
C PRO C 116 25.37 -16.21 -13.81
N SER C 117 24.68 -15.58 -14.75
CA SER C 117 25.08 -15.54 -16.14
C SER C 117 25.78 -14.21 -16.39
N VAL C 118 27.05 -14.27 -16.77
CA VAL C 118 27.89 -13.08 -16.88
C VAL C 118 27.96 -12.66 -18.34
N PHE C 119 27.63 -11.40 -18.60
CA PHE C 119 27.78 -10.79 -19.91
C PHE C 119 28.49 -9.45 -19.74
N ILE C 120 29.37 -9.12 -20.69
CA ILE C 120 30.08 -7.85 -20.68
C ILE C 120 29.71 -7.08 -21.94
N PHE C 121 29.56 -5.78 -21.80
CA PHE C 121 29.13 -4.91 -22.89
C PHE C 121 30.17 -3.81 -23.10
N PRO C 122 30.85 -3.78 -24.26
CA PRO C 122 31.79 -2.68 -24.49
C PRO C 122 31.06 -1.38 -24.64
N PRO C 123 31.71 -0.24 -24.36
CA PRO C 123 31.05 1.05 -24.53
C PRO C 123 30.69 1.30 -25.99
N SER C 124 29.55 1.96 -26.18
CA SER C 124 29.11 2.31 -27.53
C SER C 124 29.97 3.43 -28.11
N ASP C 125 30.13 3.41 -29.43
CA ASP C 125 30.89 4.46 -30.10
C ASP C 125 30.24 5.83 -29.91
N GLU C 126 28.91 5.85 -29.81
CA GLU C 126 28.20 7.12 -29.62
C GLU C 126 28.57 7.75 -28.29
N GLN C 127 28.68 6.94 -27.23
CA GLN C 127 29.09 7.47 -25.93
C GLN C 127 30.52 8.00 -25.97
N LEU C 128 31.40 7.33 -26.72
CA LEU C 128 32.80 7.76 -26.79
C LEU C 128 32.91 9.16 -27.38
N LYS C 129 32.07 9.48 -28.36
CA LYS C 129 32.09 10.82 -28.96
C LYS C 129 31.82 11.90 -27.91
N SER C 130 31.04 11.58 -26.88
CA SER C 130 30.78 12.55 -25.82
C SER C 130 31.98 12.78 -24.93
N GLY C 131 32.93 11.84 -24.90
CA GLY C 131 34.12 11.98 -24.09
C GLY C 131 34.22 11.05 -22.89
N THR C 132 33.28 10.11 -22.74
CA THR C 132 33.30 9.17 -21.63
C THR C 132 33.06 7.76 -22.15
N ALA C 133 33.51 6.78 -21.37
CA ALA C 133 33.35 5.37 -21.71
C ALA C 133 32.76 4.63 -20.52
N SER C 134 31.69 3.87 -20.76
CA SER C 134 31.05 3.06 -19.74
C SER C 134 31.06 1.61 -20.17
N VAL C 135 31.57 0.73 -19.31
CA VAL C 135 31.57 -0.71 -19.53
C VAL C 135 30.62 -1.33 -18.51
N VAL C 136 29.67 -2.12 -19.00
CA VAL C 136 28.62 -2.69 -18.16
C VAL C 136 28.82 -4.21 -18.08
N CYS C 137 28.84 -4.73 -16.86
CA CYS C 137 28.93 -6.16 -16.61
C CYS C 137 27.62 -6.63 -16.00
N LEU C 138 27.01 -7.66 -16.60
CA LEU C 138 25.69 -8.12 -16.22
C LEU C 138 25.77 -9.46 -15.51
N LEU C 139 25.20 -9.53 -14.31
CA LEU C 139 25.05 -10.77 -13.57
C LEU C 139 23.56 -11.09 -13.54
N ASN C 140 23.17 -12.16 -14.24
CA ASN C 140 21.77 -12.44 -14.51
C ASN C 140 21.30 -13.68 -13.76
N ASN C 141 20.22 -13.54 -13.00
CA ASN C 141 19.44 -14.66 -12.47
C ASN C 141 20.30 -15.58 -11.60
N PHE C 142 20.75 -15.03 -10.48
CA PHE C 142 21.56 -15.76 -9.51
C PHE C 142 20.92 -15.70 -8.13
N TYR C 143 21.37 -16.60 -7.26
CA TYR C 143 20.95 -16.64 -5.86
C TYR C 143 22.01 -17.41 -5.09
N PRO C 144 22.39 -16.97 -3.88
CA PRO C 144 21.89 -15.81 -3.13
C PRO C 144 22.40 -14.47 -3.67
N ARG C 145 21.94 -13.37 -3.07
CA ARG C 145 22.22 -12.05 -3.62
C ARG C 145 23.72 -11.73 -3.58
N GLU C 146 24.41 -12.15 -2.52
CA GLU C 146 25.81 -11.78 -2.34
C GLU C 146 26.64 -12.22 -3.54
N ALA C 147 27.39 -11.27 -4.11
CA ALA C 147 28.23 -11.53 -5.27
C ALA C 147 29.29 -10.44 -5.33
N LYS C 148 30.50 -10.82 -5.70
CA LYS C 148 31.62 -9.89 -5.80
C LYS C 148 32.01 -9.71 -7.26
N VAL C 149 32.02 -8.46 -7.70
CA VAL C 149 32.41 -8.11 -9.07
C VAL C 149 33.65 -7.23 -8.99
N GLN C 150 34.72 -7.67 -9.64
CA GLN C 150 35.98 -6.94 -9.67
C GLN C 150 36.35 -6.63 -11.11
N TRP C 151 36.58 -5.36 -11.39
CA TRP C 151 36.98 -4.92 -12.73
C TRP C 151 38.50 -4.96 -12.84
N LYS C 152 38.99 -5.60 -13.91
CA LYS C 152 40.42 -5.65 -14.19
C LYS C 152 40.66 -5.05 -15.57
N VAL C 153 41.50 -4.03 -15.63
CA VAL C 153 41.86 -3.36 -16.87
C VAL C 153 43.34 -3.65 -17.13
N ASP C 154 43.62 -4.41 -18.18
CA ASP C 154 44.97 -4.93 -18.44
C ASP C 154 45.49 -5.67 -17.21
N ASN C 155 44.62 -6.48 -16.60
CA ASN C 155 44.90 -7.27 -15.40
C ASN C 155 45.21 -6.41 -14.18
N ALA C 156 44.83 -5.13 -14.21
CA ALA C 156 45.01 -4.22 -13.08
C ALA C 156 43.65 -3.99 -12.42
N LEU C 157 43.56 -4.32 -11.13
CA LEU C 157 42.31 -4.15 -10.40
C LEU C 157 41.92 -2.68 -10.34
N GLN C 158 40.66 -2.38 -10.59
CA GLN C 158 40.16 -1.02 -10.65
C GLN C 158 39.22 -0.75 -9.47
N SER C 159 39.33 0.44 -8.91
CA SER C 159 38.50 0.84 -7.77
C SER C 159 38.19 2.33 -7.87
N GLY C 160 37.04 2.70 -7.32
CA GLY C 160 36.63 4.09 -7.25
C GLY C 160 35.92 4.63 -8.47
N ASN C 161 35.81 3.84 -9.54
CA ASN C 161 35.17 4.29 -10.77
C ASN C 161 34.06 3.35 -11.22
N SER C 162 33.49 2.56 -10.31
CA SER C 162 32.43 1.62 -10.63
C SER C 162 31.29 1.74 -9.64
N GLN C 163 30.10 1.42 -10.11
CA GLN C 163 28.90 1.41 -9.27
C GLN C 163 28.06 0.19 -9.62
N GLU C 164 27.32 -0.31 -8.63
CA GLU C 164 26.52 -1.52 -8.81
C GLU C 164 25.14 -1.32 -8.22
N SER C 165 24.15 -1.96 -8.86
CA SER C 165 22.79 -2.00 -8.35
C SER C 165 22.25 -3.40 -8.52
N VAL C 166 21.33 -3.78 -7.63
CA VAL C 166 20.73 -5.11 -7.64
C VAL C 166 19.22 -4.95 -7.76
N THR C 167 18.62 -5.72 -8.65
CA THR C 167 17.17 -5.75 -8.76
C THR C 167 16.56 -6.41 -7.52
N GLU C 168 15.28 -6.12 -7.29
CA GLU C 168 14.55 -6.83 -6.25
C GLU C 168 14.36 -8.29 -6.64
N GLN C 169 14.11 -9.13 -5.65
CA GLN C 169 13.94 -10.56 -5.91
C GLN C 169 12.79 -10.78 -6.88
N ASP C 170 13.06 -11.58 -7.92
CA ASP C 170 12.05 -11.84 -8.92
C ASP C 170 10.88 -12.60 -8.32
N SER C 171 9.66 -12.19 -8.69
CA SER C 171 8.46 -12.82 -8.16
C SER C 171 8.12 -14.12 -8.86
N LYS C 172 8.86 -14.48 -9.92
CA LYS C 172 8.65 -15.73 -10.63
C LYS C 172 9.79 -16.72 -10.44
N ASP C 173 11.00 -16.24 -10.17
CA ASP C 173 12.17 -17.10 -10.01
C ASP C 173 12.81 -17.02 -8.64
N SER C 174 12.44 -16.03 -7.81
CA SER C 174 13.10 -15.78 -6.53
C SER C 174 14.59 -15.50 -6.70
N THR C 175 14.96 -14.92 -7.84
CA THR C 175 16.35 -14.73 -8.22
C THR C 175 16.72 -13.25 -8.20
N TYR C 176 18.01 -12.98 -8.35
CA TYR C 176 18.54 -11.64 -8.35
C TYR C 176 19.28 -11.35 -9.65
N SER C 177 19.33 -10.08 -10.01
CA SER C 177 20.12 -9.60 -11.14
C SER C 177 20.96 -8.42 -10.70
N LEU C 178 22.23 -8.42 -11.10
CA LEU C 178 23.17 -7.38 -10.71
C LEU C 178 23.84 -6.80 -11.95
N SER C 179 24.09 -5.50 -11.93
CA SER C 179 24.77 -4.81 -13.01
C SER C 179 25.91 -3.99 -12.44
N SER C 180 27.10 -4.12 -13.03
CA SER C 180 28.26 -3.33 -12.66
C SER C 180 28.66 -2.45 -13.84
N THR C 181 28.72 -1.14 -13.61
CA THR C 181 29.08 -0.18 -14.65
C THR C 181 30.42 0.44 -14.30
N LEU C 182 31.38 0.32 -15.22
CA LEU C 182 32.72 0.89 -15.05
C LEU C 182 32.80 2.12 -15.94
N THR C 183 32.94 3.29 -15.33
CA THR C 183 32.96 4.57 -16.04
C THR C 183 34.38 5.10 -16.10
N LEU C 184 34.84 5.39 -17.32
CA LEU C 184 36.18 5.93 -17.54
C LEU C 184 36.11 7.00 -18.62
N SER C 185 37.04 7.95 -18.54
CA SER C 185 37.18 8.93 -19.61
C SER C 185 37.70 8.26 -20.86
N LYS C 186 37.39 8.85 -22.02
CA LYS C 186 37.81 8.26 -23.29
C LYS C 186 39.32 8.18 -23.39
N ALA C 187 40.04 9.15 -22.82
CA ALA C 187 41.49 9.12 -22.87
C ALA C 187 42.06 7.88 -22.20
N ASP C 188 41.52 7.53 -21.01
CA ASP C 188 41.98 6.32 -20.34
C ASP C 188 41.49 5.06 -21.03
N TYR C 189 40.32 5.11 -21.66
CA TYR C 189 39.77 3.93 -22.33
C TYR C 189 40.67 3.49 -23.48
N GLU C 190 41.17 4.45 -24.25
CA GLU C 190 42.07 4.13 -25.36
C GLU C 190 43.48 3.80 -24.89
N LYS C 191 43.82 4.07 -23.63
CA LYS C 191 45.14 3.77 -23.11
C LYS C 191 45.32 2.32 -22.70
N HIS C 192 44.25 1.52 -22.75
CA HIS C 192 44.31 0.12 -22.33
C HIS C 192 43.55 -0.73 -23.33
N LYS C 193 43.84 -2.04 -23.31
CA LYS C 193 43.30 -2.99 -24.27
C LYS C 193 42.33 -3.98 -23.67
N VAL C 194 42.74 -4.71 -22.63
CA VAL C 194 41.94 -5.80 -22.09
C VAL C 194 41.07 -5.27 -20.95
N TYR C 195 39.75 -5.43 -21.09
CA TYR C 195 38.78 -5.06 -20.06
C TYR C 195 38.05 -6.31 -19.62
N ALA C 196 38.12 -6.61 -18.32
CA ALA C 196 37.63 -7.87 -17.78
C ALA C 196 36.68 -7.62 -16.61
N CYS C 197 35.81 -8.59 -16.38
CA CYS C 197 34.88 -8.57 -15.26
C CYS C 197 34.96 -9.91 -14.55
N GLU C 198 35.55 -9.93 -13.36
CA GLU C 198 35.69 -11.14 -12.56
C GLU C 198 34.54 -11.24 -11.58
N VAL C 199 33.83 -12.36 -11.62
CA VAL C 199 32.64 -12.58 -10.79
C VAL C 199 32.91 -13.78 -9.88
N THR C 200 32.79 -13.56 -8.58
CA THR C 200 32.88 -14.64 -7.59
C THR C 200 31.52 -14.78 -6.92
N HIS C 201 30.97 -15.99 -6.96
CA HIS C 201 29.64 -16.25 -6.41
C HIS C 201 29.65 -17.60 -5.70
N GLN C 202 28.67 -17.77 -4.81
CA GLN C 202 28.55 -19.01 -4.05
C GLN C 202 28.34 -20.20 -4.99
N GLY C 203 27.57 -20.00 -6.05
CA GLY C 203 27.32 -21.05 -7.03
C GLY C 203 28.40 -21.22 -8.07
N LEU C 204 29.51 -20.50 -7.94
CA LEU C 204 30.62 -20.55 -8.88
C LEU C 204 31.78 -21.28 -8.21
N SER C 205 32.18 -22.43 -8.78
CA SER C 205 33.28 -23.20 -8.20
C SER C 205 34.57 -22.39 -8.17
N SER C 206 34.87 -21.70 -9.26
CA SER C 206 35.98 -20.76 -9.34
C SER C 206 35.48 -19.49 -10.01
N PRO C 207 36.08 -18.34 -9.69
CA PRO C 207 35.61 -17.09 -10.29
C PRO C 207 35.67 -17.13 -11.81
N VAL C 208 34.62 -16.60 -12.44
CA VAL C 208 34.48 -16.60 -13.88
C VAL C 208 34.71 -15.18 -14.40
N THR C 209 35.58 -15.05 -15.40
CA THR C 209 35.97 -13.76 -15.94
C THR C 209 35.44 -13.63 -17.37
N LYS C 210 34.73 -12.53 -17.63
CA LYS C 210 34.31 -12.18 -18.98
C LYS C 210 35.08 -10.93 -19.40
N SER C 211 35.75 -11.02 -20.55
CA SER C 211 36.65 -9.95 -20.98
C SER C 211 36.51 -9.73 -22.48
N PHE C 212 36.88 -8.53 -22.90
CA PHE C 212 36.95 -8.18 -24.31
C PHE C 212 38.16 -7.29 -24.54
N ASN C 213 38.68 -7.30 -25.76
CA ASN C 213 39.78 -6.45 -26.16
C ASN C 213 39.24 -5.28 -26.96
N ARG C 214 39.70 -4.07 -26.63
CA ARG C 214 39.23 -2.88 -27.32
C ARG C 214 39.64 -2.92 -28.78
N GLY C 215 38.72 -2.51 -29.65
CA GLY C 215 38.99 -2.49 -31.08
C GLY C 215 38.90 -3.82 -31.78
N GLU C 216 38.26 -4.81 -31.15
CA GLU C 216 38.10 -6.12 -31.77
C GLU C 216 36.68 -6.62 -31.53
N CYS C 217 36.04 -7.13 -32.58
CA CYS C 217 34.71 -7.70 -32.48
C CYS C 217 34.40 -8.57 -33.70
C1 NAG D . -33.40 -6.25 27.23
C2 NAG D . -32.81 -4.83 27.36
C3 NAG D . -32.18 -4.63 28.74
C4 NAG D . -33.09 -5.09 29.87
C5 NAG D . -33.46 -6.55 29.60
C6 NAG D . -34.34 -7.16 30.67
C7 NAG D . -31.58 -3.47 25.68
C8 NAG D . -32.51 -2.31 25.96
N2 NAG D . -31.79 -4.60 26.37
O3 NAG D . -31.84 -3.28 28.89
O4 NAG D . -32.38 -4.95 31.08
O5 NAG D . -34.16 -6.58 28.38
O6 NAG D . -35.48 -6.36 30.87
O7 NAG D . -30.68 -3.36 24.86
C TRS E . -16.29 -9.27 15.54
C1 TRS E . -15.92 -9.46 17.02
C2 TRS E . -17.53 -8.40 15.35
C3 TRS E . -16.49 -10.59 14.80
N TRS E . -15.14 -8.56 14.90
O1 TRS E . -14.67 -10.08 17.05
O2 TRS E . -17.40 -7.25 16.16
O3 TRS E . -15.25 -11.24 14.72
C TRS F . -19.43 18.18 6.84
C1 TRS F . -19.98 19.60 6.79
C2 TRS F . -17.94 18.09 6.53
C3 TRS F . -20.19 17.23 5.91
N TRS F . -19.64 17.69 8.24
O1 TRS F . -19.95 20.02 5.45
O2 TRS F . -17.24 18.85 7.50
O3 TRS F . -21.54 17.23 6.29
#